data_3PXV
#
_entry.id   3PXV
#
_cell.length_a   61.261
_cell.length_b   81.577
_cell.length_c   161.754
_cell.angle_alpha   90.000
_cell.angle_beta   90.000
_cell.angle_gamma   90.000
#
_symmetry.space_group_name_H-M   'P 21 21 21'
#
loop_
_entity.id
_entity.type
_entity.pdbx_description
1 polymer Nitroreductase
2 non-polymer 'FLAVIN MONONUCLEOTIDE'
3 water water
#
_entity_poly.entity_id   1
_entity_poly.type   'polypeptide(L)'
_entity_poly.pdbx_seq_one_letter_code
;G(MSE)(MSE)NETLKVIAERYSCRDFKNE(MSE)PSDELLQAIAEAAIQAPSG(MSE)NRQAWRVIVVKNKEL(MSE)Q
E(MSE)EAEGLAYLAG(MSE)EDQSSYNRI(MSE)ERGGRLFYGAPC(MSE)IVVPIDPTQYGPALVDCGILCQTIALAA
TSLGIANI(MSE)CGYTGLAFASGLRAEEFSKRLGFPEGYAFGCSVLLGHANTTKPPHVPDKDKITYVE
;
_entity_poly.pdbx_strand_id   A,B,C,D
#
loop_
_chem_comp.id
_chem_comp.type
_chem_comp.name
_chem_comp.formula
FMN non-polymer 'FLAVIN MONONUCLEOTIDE' 'C17 H21 N4 O9 P'
#
# COMPACT_ATOMS: atom_id res chain seq x y z
N MSE A 2 -32.81 -28.49 17.53
CA MSE A 2 -33.10 -27.31 16.65
C MSE A 2 -31.95 -26.97 15.70
O MSE A 2 -30.78 -27.02 16.11
CB MSE A 2 -33.40 -26.06 17.47
CG MSE A 2 -34.63 -26.17 18.31
SE MSE A 2 -35.41 -24.42 18.56
CE MSE A 2 -35.95 -24.11 16.68
N MSE A 3 -32.29 -26.59 14.48
CA MSE A 3 -31.28 -26.25 13.49
C MSE A 3 -31.83 -25.31 12.42
O MSE A 3 -33.00 -25.42 12.03
CB MSE A 3 -30.73 -27.53 12.82
CG MSE A 3 -29.28 -27.40 12.30
SE MSE A 3 -27.87 -27.29 13.71
CE MSE A 3 -28.15 -29.04 14.57
N ASN A 4 -30.98 -24.35 12.01
CA ASN A 4 -31.22 -23.39 10.94
C ASN A 4 -29.84 -23.17 10.28
N GLU A 5 -29.74 -22.41 9.19
CA GLU A 5 -28.43 -22.21 8.53
C GLU A 5 -27.39 -21.52 9.43
N THR A 6 -27.80 -20.57 10.27
CA THR A 6 -26.83 -19.87 11.12
C THR A 6 -26.29 -20.82 12.18
N LEU A 7 -27.16 -21.64 12.75
CA LEU A 7 -26.70 -22.57 13.74
C LEU A 7 -25.77 -23.61 13.10
N LYS A 8 -26.01 -24.00 11.85
CA LYS A 8 -25.13 -24.99 11.20
C LYS A 8 -23.77 -24.37 10.90
N VAL A 9 -23.73 -23.11 10.51
CA VAL A 9 -22.47 -22.43 10.22
C VAL A 9 -21.64 -22.38 11.51
N ILE A 10 -22.25 -22.00 12.62
CA ILE A 10 -21.56 -21.90 13.90
C ILE A 10 -20.95 -23.25 14.27
N ALA A 11 -21.70 -24.34 14.06
CA ALA A 11 -21.27 -25.71 14.38
C ALA A 11 -20.20 -26.29 13.43
N GLU A 12 -20.24 -25.89 12.16
CA GLU A 12 -19.32 -26.44 11.17
C GLU A 12 -18.05 -25.57 10.96
N ARG A 13 -18.07 -24.33 11.41
CA ARG A 13 -16.86 -23.50 11.28
C ARG A 13 -15.70 -24.26 11.99
N TYR A 14 -14.52 -24.24 11.36
CA TYR A 14 -13.33 -24.88 11.92
C TYR A 14 -12.14 -24.00 11.58
N SER A 15 -11.00 -24.32 12.18
CA SER A 15 -9.79 -23.59 11.93
C SER A 15 -9.03 -24.34 10.83
N CYS A 16 -8.99 -23.77 9.63
CA CYS A 16 -8.24 -24.32 8.51
C CYS A 16 -6.76 -24.02 8.70
N ARG A 17 -5.91 -25.03 8.50
CA ARG A 17 -4.47 -24.88 8.63
C ARG A 17 -3.78 -25.40 7.36
N ASP A 18 -4.41 -25.17 6.20
CA ASP A 18 -3.88 -25.63 4.91
C ASP A 18 -4.76 -25.04 3.83
N PHE A 19 -4.34 -23.88 3.31
CA PHE A 19 -5.09 -23.12 2.33
C PHE A 19 -4.57 -23.26 0.91
N LYS A 20 -5.49 -23.13 -0.04
CA LYS A 20 -5.10 -23.15 -1.46
C LYS A 20 -4.59 -21.72 -1.72
N ASN A 21 -3.85 -21.55 -2.82
CA ASN A 21 -3.28 -20.23 -3.16
C ASN A 21 -4.19 -19.25 -3.95
N GLU A 22 -5.33 -19.71 -4.45
CA GLU A 22 -6.18 -18.80 -5.24
CA GLU A 22 -6.19 -18.83 -5.24
C GLU A 22 -6.94 -17.80 -4.37
N MSE A 23 -6.91 -16.55 -4.83
CA MSE A 23 -7.52 -15.41 -4.16
C MSE A 23 -9.05 -15.41 -4.23
O MSE A 23 -9.62 -15.43 -5.31
CB MSE A 23 -6.98 -14.11 -4.79
CG MSE A 23 -7.37 -12.83 -4.05
SE MSE A 23 -6.52 -12.69 -2.33
CE MSE A 23 -4.72 -12.39 -3.04
N PRO A 24 -9.72 -15.34 -3.07
CA PRO A 24 -11.17 -15.24 -3.17
C PRO A 24 -11.57 -13.94 -3.89
N SER A 25 -12.68 -14.00 -4.62
CA SER A 25 -13.19 -12.87 -5.38
C SER A 25 -13.36 -11.63 -4.49
N ASP A 26 -13.23 -10.46 -5.10
CA ASP A 26 -13.47 -9.23 -4.40
C ASP A 26 -14.88 -9.26 -3.79
N GLU A 27 -15.82 -9.82 -4.54
CA GLU A 27 -17.19 -9.88 -4.09
CA GLU A 27 -17.22 -9.98 -4.14
C GLU A 27 -17.37 -10.64 -2.77
N LEU A 28 -16.65 -11.75 -2.58
CA LEU A 28 -16.69 -12.50 -1.33
C LEU A 28 -15.96 -11.71 -0.21
N LEU A 29 -14.79 -11.17 -0.51
CA LEU A 29 -14.04 -10.40 0.46
C LEU A 29 -14.87 -9.23 1.00
N GLN A 30 -15.57 -8.54 0.09
CA GLN A 30 -16.36 -7.39 0.46
C GLN A 30 -17.52 -7.77 1.36
N ALA A 31 -18.09 -8.97 1.16
CA ALA A 31 -19.19 -9.44 1.98
C ALA A 31 -18.72 -9.75 3.41
N ILE A 32 -17.56 -10.40 3.53
CA ILE A 32 -16.94 -10.70 4.83
C ILE A 32 -16.60 -9.38 5.57
N ALA A 33 -15.97 -8.44 4.86
CA ALA A 33 -15.61 -7.13 5.41
C ALA A 33 -16.86 -6.34 5.91
N GLU A 34 -17.97 -6.41 5.16
CA GLU A 34 -19.24 -5.75 5.53
C GLU A 34 -19.85 -6.38 6.78
N ALA A 35 -19.78 -7.71 6.89
CA ALA A 35 -20.25 -8.42 8.08
C ALA A 35 -19.43 -7.92 9.26
N ALA A 36 -18.12 -7.84 9.09
CA ALA A 36 -17.27 -7.40 10.16
C ALA A 36 -17.70 -6.06 10.75
N ILE A 37 -17.94 -5.04 9.92
CA ILE A 37 -18.32 -3.72 10.45
C ILE A 37 -19.73 -3.67 11.08
N GLN A 38 -20.48 -4.77 10.93
CA GLN A 38 -21.80 -4.94 11.55
C GLN A 38 -21.65 -5.58 12.96
N ALA A 39 -20.42 -5.83 13.42
CA ALA A 39 -20.19 -6.35 14.74
C ALA A 39 -20.59 -5.28 15.78
N PRO A 40 -21.21 -5.69 16.87
CA PRO A 40 -21.50 -4.72 17.92
C PRO A 40 -20.21 -4.51 18.74
N SER A 41 -20.17 -3.40 19.49
CA SER A 41 -19.04 -3.03 20.31
C SER A 41 -19.54 -2.19 21.49
N GLY A 42 -18.87 -2.30 22.64
CA GLY A 42 -19.24 -1.55 23.81
C GLY A 42 -19.39 -0.09 23.44
N MSE A 43 -20.50 0.49 23.86
CA MSE A 43 -20.77 1.88 23.63
C MSE A 43 -20.65 2.25 22.14
O MSE A 43 -20.35 3.41 21.79
CB MSE A 43 -19.77 2.75 24.42
CG MSE A 43 -20.37 4.05 24.88
SE MSE A 43 -19.17 5.48 24.91
CE MSE A 43 -19.50 6.06 23.07
N ASN A 44 -20.82 1.24 21.26
CA ASN A 44 -20.65 1.43 19.82
C ASN A 44 -19.32 2.18 19.53
N ARG A 45 -18.28 1.94 20.36
CA ARG A 45 -16.98 2.64 20.23
C ARG A 45 -16.20 2.28 18.95
N GLN A 46 -16.40 1.07 18.48
CA GLN A 46 -15.79 0.56 17.26
C GLN A 46 -14.32 0.93 17.21
N ALA A 47 -13.60 0.55 18.26
CA ALA A 47 -12.19 0.84 18.43
C ALA A 47 -11.43 -0.24 17.69
N TRP A 48 -11.75 -0.31 16.40
CA TRP A 48 -11.14 -1.25 15.52
C TRP A 48 -11.24 -0.79 14.07
N ARG A 49 -10.51 -1.48 13.19
CA ARG A 49 -10.60 -1.29 11.74
C ARG A 49 -10.57 -2.68 11.13
N VAL A 50 -11.02 -2.77 9.89
CA VAL A 50 -11.07 -4.00 9.12
C VAL A 50 -10.18 -3.80 7.89
N ILE A 51 -9.01 -4.41 7.92
CA ILE A 51 -8.02 -4.21 6.86
C ILE A 51 -7.88 -5.52 6.09
N VAL A 52 -8.35 -5.52 4.84
CA VAL A 52 -8.27 -6.70 3.97
C VAL A 52 -6.93 -6.67 3.25
N VAL A 53 -6.07 -7.61 3.62
CA VAL A 53 -4.71 -7.69 3.14
C VAL A 53 -4.57 -8.74 2.05
N LYS A 54 -4.35 -8.28 0.82
CA LYS A 54 -4.18 -9.15 -0.33
C LYS A 54 -2.74 -9.19 -0.85
N ASN A 55 -1.87 -8.37 -0.25
CA ASN A 55 -0.48 -8.24 -0.72
C ASN A 55 0.38 -9.40 -0.25
N LYS A 56 0.78 -10.23 -1.20
CA LYS A 56 1.56 -11.43 -0.91
C LYS A 56 2.90 -11.12 -0.23
N GLU A 57 3.64 -10.15 -0.74
CA GLU A 57 4.94 -9.79 -0.20
C GLU A 57 4.82 -9.29 1.27
N LEU A 58 3.78 -8.51 1.60
CA LEU A 58 3.59 -8.06 2.99
C LEU A 58 3.35 -9.29 3.89
N MSE A 59 2.46 -10.20 3.48
CA MSE A 59 2.21 -11.40 4.27
C MSE A 59 3.46 -12.27 4.42
O MSE A 59 3.72 -12.77 5.50
CB MSE A 59 1.08 -12.21 3.68
CG MSE A 59 -0.23 -11.46 3.76
SE MSE A 59 -1.68 -12.45 3.08
CE MSE A 59 -1.66 -13.92 4.33
N GLN A 60 4.22 -12.44 3.36
CA GLN A 60 5.42 -13.26 3.42
C GLN A 60 6.46 -12.69 4.38
N GLU A 61 6.57 -11.37 4.44
CA GLU A 61 7.51 -10.72 5.33
C GLU A 61 7.05 -10.76 6.79
N MSE A 62 5.75 -10.59 7.00
CA MSE A 62 5.19 -10.64 8.35
C MSE A 62 5.35 -12.05 8.85
O MSE A 62 5.69 -12.27 10.00
CB MSE A 62 3.71 -10.22 8.37
CG MSE A 62 3.51 -8.77 8.08
SE MSE A 62 1.73 -8.11 8.21
CE MSE A 62 1.65 -8.24 10.09
N GLU A 63 5.11 -13.01 7.97
CA GLU A 63 5.24 -14.42 8.33
C GLU A 63 6.69 -14.73 8.69
N ALA A 64 7.63 -14.30 7.84
CA ALA A 64 9.06 -14.51 8.12
C ALA A 64 9.45 -13.87 9.47
N GLU A 65 9.08 -12.61 9.66
CA GLU A 65 9.41 -11.90 10.90
C GLU A 65 8.80 -12.62 12.11
N GLY A 66 7.55 -13.05 11.97
CA GLY A 66 6.87 -13.80 13.03
C GLY A 66 7.60 -15.07 13.42
N LEU A 67 8.01 -15.87 12.44
CA LEU A 67 8.74 -17.10 12.69
C LEU A 67 10.06 -16.84 13.36
N ALA A 68 10.80 -15.85 12.84
CA ALA A 68 12.10 -15.50 13.38
C ALA A 68 11.97 -15.20 14.86
N TYR A 69 10.87 -14.51 15.24
CA TYR A 69 10.64 -14.19 16.64
C TYR A 69 10.58 -15.45 17.51
N LEU A 70 9.79 -16.43 17.09
CA LEU A 70 9.68 -17.70 17.81
C LEU A 70 11.01 -18.44 17.81
N ALA A 71 11.69 -18.44 16.67
CA ALA A 71 12.97 -19.12 16.55
C ALA A 71 14.02 -18.60 17.54
N GLY A 72 13.94 -17.31 17.85
CA GLY A 72 14.91 -16.68 18.75
C GLY A 72 14.66 -16.82 20.24
N MSE A 73 13.52 -17.38 20.62
CA MSE A 73 13.18 -17.62 22.05
C MSE A 73 14.08 -18.72 22.66
O MSE A 73 14.38 -19.69 21.98
CB MSE A 73 11.70 -18.02 22.18
CG MSE A 73 10.73 -16.95 21.84
SE MSE A 73 8.93 -17.64 21.99
CE MSE A 73 7.84 -16.02 21.88
N GLU A 74 14.51 -18.58 23.91
CA GLU A 74 15.30 -19.64 24.57
C GLU A 74 14.48 -20.95 24.61
N ASP A 75 13.16 -20.84 24.84
CA ASP A 75 12.25 -21.99 24.80
C ASP A 75 11.78 -22.23 23.32
N GLN A 76 12.44 -23.18 22.67
CA GLN A 76 12.21 -23.50 21.28
C GLN A 76 10.87 -24.23 21.00
N SER A 77 10.11 -24.51 22.06
CA SER A 77 8.86 -25.27 21.96
C SER A 77 7.92 -24.82 20.85
N SER A 78 7.37 -23.62 20.98
CA SER A 78 6.40 -23.09 20.01
CA SER A 78 6.41 -23.09 20.03
C SER A 78 6.98 -23.00 18.59
N TYR A 79 8.29 -22.74 18.48
CA TYR A 79 8.92 -22.68 17.14
C TYR A 79 8.76 -24.08 16.52
N ASN A 80 9.12 -25.11 17.30
CA ASN A 80 8.98 -26.53 16.88
C ASN A 80 7.57 -26.97 16.53
N ARG A 81 6.57 -26.41 17.20
CA ARG A 81 5.18 -26.76 16.90
C ARG A 81 4.89 -26.31 15.47
N ILE A 82 5.09 -25.02 15.21
CA ILE A 82 4.84 -24.47 13.90
C ILE A 82 5.63 -25.21 12.83
N MSE A 83 6.86 -25.63 13.13
CA MSE A 83 7.62 -26.41 12.15
C MSE A 83 6.98 -27.79 11.94
O MSE A 83 6.92 -28.26 10.80
CB MSE A 83 9.10 -26.51 12.51
CG MSE A 83 9.87 -25.18 12.50
SE MSE A 83 9.61 -24.05 10.93
CE MSE A 83 10.23 -25.21 9.51
N GLU A 84 6.49 -28.43 13.01
CA GLU A 84 5.85 -29.76 12.85
C GLU A 84 4.54 -29.58 12.05
N ARG A 85 3.89 -28.42 12.18
CA ARG A 85 2.69 -28.09 11.38
C ARG A 85 2.98 -27.73 9.90
N GLY A 86 4.23 -27.76 9.46
CA GLY A 86 4.56 -27.41 8.06
C GLY A 86 5.40 -26.15 7.93
N GLY A 87 5.70 -25.49 9.04
CA GLY A 87 6.53 -24.28 9.01
C GLY A 87 5.96 -23.00 8.38
N ARG A 88 4.66 -22.97 8.14
CA ARG A 88 4.00 -21.78 7.60
C ARG A 88 3.12 -21.19 8.70
N LEU A 89 3.40 -19.95 9.09
CA LEU A 89 2.66 -19.30 10.14
C LEU A 89 1.22 -19.03 9.70
N PHE A 90 1.04 -18.77 8.40
CA PHE A 90 -0.27 -18.48 7.79
C PHE A 90 -0.89 -19.61 6.93
N TYR A 91 -0.28 -20.78 7.01
CA TYR A 91 -0.73 -22.01 6.35
C TYR A 91 -1.07 -21.83 4.88
N GLY A 92 -0.32 -20.96 4.21
CA GLY A 92 -0.50 -20.68 2.78
C GLY A 92 -1.70 -19.80 2.45
N ALA A 93 -2.29 -19.13 3.42
CA ALA A 93 -3.43 -18.25 3.13
C ALA A 93 -2.99 -17.15 2.15
N PRO A 94 -3.80 -16.87 1.14
CA PRO A 94 -3.47 -15.86 0.18
C PRO A 94 -3.91 -14.47 0.58
N CYS A 95 -4.71 -14.37 1.64
CA CYS A 95 -5.17 -13.09 2.14
C CYS A 95 -5.61 -13.21 3.57
N MSE A 96 -5.74 -12.08 4.23
CA MSE A 96 -6.18 -12.06 5.61
C MSE A 96 -6.78 -10.72 5.95
O MSE A 96 -6.53 -9.75 5.25
CB MSE A 96 -5.00 -12.35 6.55
CG MSE A 96 -3.97 -11.25 6.63
SE MSE A 96 -2.62 -11.66 7.93
CE MSE A 96 -1.49 -10.10 7.75
N ILE A 97 -7.59 -10.70 7.00
CA ILE A 97 -8.15 -9.48 7.53
C ILE A 97 -7.42 -9.24 8.85
N VAL A 98 -6.72 -8.13 8.92
CA VAL A 98 -6.02 -7.72 10.13
C VAL A 98 -6.94 -6.73 10.83
N VAL A 99 -7.17 -6.95 12.13
CA VAL A 99 -7.97 -6.07 12.93
C VAL A 99 -7.09 -5.33 13.95
N PRO A 100 -6.66 -4.09 13.64
CA PRO A 100 -5.97 -3.34 14.68
C PRO A 100 -6.98 -2.78 15.67
N ILE A 101 -6.58 -2.57 16.92
CA ILE A 101 -7.44 -1.99 17.95
C ILE A 101 -6.74 -0.83 18.66
N ASP A 102 -7.56 -0.06 19.37
CA ASP A 102 -7.09 1.08 20.15
C ASP A 102 -6.72 0.56 21.54
N PRO A 103 -5.43 0.41 21.83
CA PRO A 103 -5.03 -0.17 23.11
C PRO A 103 -5.31 0.68 24.36
N THR A 104 -5.62 1.96 24.19
CA THR A 104 -5.93 2.82 25.34
C THR A 104 -7.32 2.54 25.89
N GLN A 105 -8.08 1.69 25.20
CA GLN A 105 -9.40 1.22 25.66
C GLN A 105 -9.31 -0.29 26.05
N TYR A 106 -8.09 -0.70 26.37
CA TYR A 106 -7.70 -2.01 26.92
C TYR A 106 -8.67 -3.21 26.74
N GLY A 107 -9.24 -3.67 27.85
CA GLY A 107 -10.07 -4.87 27.90
C GLY A 107 -11.31 -4.81 27.05
N PRO A 108 -12.05 -3.71 27.14
CA PRO A 108 -13.25 -3.67 26.32
C PRO A 108 -12.97 -3.73 24.83
N ALA A 109 -11.88 -3.12 24.36
CA ALA A 109 -11.50 -3.21 22.94
C ALA A 109 -11.12 -4.65 22.56
N LEU A 110 -10.50 -5.39 23.47
CA LEU A 110 -10.15 -6.80 23.22
C LEU A 110 -11.42 -7.64 23.10
N VAL A 111 -12.39 -7.38 23.97
CA VAL A 111 -13.68 -8.08 23.87
C VAL A 111 -14.36 -7.75 22.53
N ASP A 112 -14.35 -6.46 22.15
CA ASP A 112 -14.92 -6.07 20.86
C ASP A 112 -14.14 -6.70 19.69
N CYS A 113 -12.83 -6.87 19.85
CA CYS A 113 -12.02 -7.50 18.82
C CYS A 113 -12.50 -8.92 18.55
N GLY A 114 -12.72 -9.69 19.61
CA GLY A 114 -13.21 -11.06 19.52
C GLY A 114 -14.58 -11.13 18.87
N ILE A 115 -15.46 -10.19 19.21
CA ILE A 115 -16.79 -10.15 18.63
C ILE A 115 -16.69 -10.01 17.12
N LEU A 116 -15.84 -9.11 16.68
CA LEU A 116 -15.66 -8.81 15.27
C LEU A 116 -14.99 -9.96 14.51
N CYS A 117 -13.91 -10.53 15.06
CA CYS A 117 -13.24 -11.66 14.39
C CYS A 117 -14.19 -12.86 14.25
N GLN A 118 -15.09 -13.09 15.22
CA GLN A 118 -16.00 -14.23 15.10
C GLN A 118 -17.02 -13.91 14.02
N THR A 119 -17.36 -12.62 13.84
CA THR A 119 -18.32 -12.22 12.80
C THR A 119 -17.68 -12.53 11.44
N ILE A 120 -16.39 -12.25 11.31
CA ILE A 120 -15.65 -12.55 10.10
C ILE A 120 -15.65 -14.06 9.85
N ALA A 121 -15.31 -14.84 10.88
CA ALA A 121 -15.21 -16.30 10.71
C ALA A 121 -16.54 -16.95 10.32
N LEU A 122 -17.64 -16.51 10.92
CA LEU A 122 -18.96 -17.06 10.59
C LEU A 122 -19.43 -16.59 9.18
N ALA A 123 -19.26 -15.31 8.87
CA ALA A 123 -19.57 -14.78 7.53
C ALA A 123 -18.75 -15.53 6.48
N ALA A 124 -17.46 -15.68 6.72
CA ALA A 124 -16.59 -16.40 5.78
C ALA A 124 -17.08 -17.85 5.57
N THR A 125 -17.26 -18.58 6.67
CA THR A 125 -17.74 -19.98 6.63
C THR A 125 -19.06 -20.14 5.87
N SER A 126 -19.97 -19.20 6.05
CA SER A 126 -21.28 -19.27 5.39
C SER A 126 -21.12 -19.09 3.88
N LEU A 127 -20.00 -18.52 3.46
CA LEU A 127 -19.75 -18.28 2.05
C LEU A 127 -18.82 -19.31 1.40
N GLY A 128 -18.44 -20.34 2.14
CA GLY A 128 -17.55 -21.35 1.60
C GLY A 128 -16.08 -20.99 1.75
N ILE A 129 -15.79 -19.88 2.42
CA ILE A 129 -14.42 -19.43 2.62
C ILE A 129 -13.85 -19.99 3.93
N ALA A 130 -12.78 -20.77 3.82
CA ALA A 130 -12.12 -21.37 4.96
C ALA A 130 -11.41 -20.24 5.66
N ASN A 131 -11.18 -20.40 6.95
CA ASN A 131 -10.59 -19.35 7.72
C ASN A 131 -9.99 -19.84 9.03
N ILE A 132 -9.21 -18.98 9.64
CA ILE A 132 -8.64 -19.29 10.94
C ILE A 132 -8.28 -18.02 11.67
N MSE A 133 -8.66 -17.95 12.95
CA MSE A 133 -8.20 -16.86 13.73
C MSE A 133 -6.67 -16.99 13.91
O MSE A 133 -6.14 -18.07 14.21
CB MSE A 133 -8.90 -16.75 15.07
CG MSE A 133 -9.85 -15.56 15.15
SE MSE A 133 -11.58 -15.84 14.47
CE MSE A 133 -12.19 -16.39 16.19
N CYS A 134 -5.95 -15.91 13.70
CA CYS A 134 -4.51 -15.98 13.79
C CYS A 134 -3.93 -14.89 14.64
N GLY A 135 -3.67 -15.24 15.89
CA GLY A 135 -3.04 -14.32 16.82
C GLY A 135 -1.57 -14.23 16.53
N TYR A 136 -0.98 -15.24 15.88
CA TYR A 136 0.45 -15.20 15.54
C TYR A 136 0.85 -14.17 14.47
N THR A 137 -0.13 -13.57 13.79
CA THR A 137 0.19 -12.44 12.92
C THR A 137 0.86 -11.36 13.77
N GLY A 138 0.42 -11.24 15.03
CA GLY A 138 1.00 -10.29 15.97
C GLY A 138 2.47 -10.52 16.29
N LEU A 139 2.99 -11.72 16.06
CA LEU A 139 4.43 -11.97 16.27
C LEU A 139 5.30 -11.07 15.41
N ALA A 140 4.80 -10.63 14.25
CA ALA A 140 5.52 -9.68 13.36
C ALA A 140 5.83 -8.34 14.05
N PHE A 141 5.05 -8.02 15.08
CA PHE A 141 5.18 -6.81 15.86
C PHE A 141 5.85 -6.98 17.22
N ALA A 142 6.06 -8.22 17.67
CA ALA A 142 6.49 -8.47 19.06
C ALA A 142 7.82 -7.91 19.50
N SER A 143 8.80 -7.83 18.61
CA SER A 143 10.11 -7.27 18.95
C SER A 143 10.03 -5.76 18.96
N GLY A 144 8.95 -5.21 18.38
CA GLY A 144 8.78 -3.77 18.27
C GLY A 144 9.65 -3.14 17.20
N LEU A 145 10.60 -3.89 16.66
CA LEU A 145 11.56 -3.34 15.71
C LEU A 145 10.98 -3.05 14.35
N ARG A 146 9.90 -3.74 14.00
CA ARG A 146 9.21 -3.52 12.73
C ARG A 146 7.72 -3.27 12.91
N ALA A 147 7.29 -2.91 14.11
CA ALA A 147 5.88 -2.68 14.35
C ALA A 147 5.45 -1.39 13.65
N GLU A 148 6.26 -0.35 13.76
CA GLU A 148 5.94 0.91 13.11
C GLU A 148 5.83 0.67 11.60
N GLU A 149 6.84 0.01 11.04
CA GLU A 149 6.83 -0.30 9.60
C GLU A 149 5.60 -1.09 9.15
N PHE A 150 5.25 -2.17 9.86
CA PHE A 150 4.09 -2.97 9.40
C PHE A 150 2.78 -2.25 9.61
N SER A 151 2.67 -1.54 10.74
CA SER A 151 1.52 -0.69 11.03
C SER A 151 1.31 0.32 9.91
N LYS A 152 2.39 0.95 9.42
CA LYS A 152 2.27 1.94 8.34
C LYS A 152 1.88 1.27 7.04
N ARG A 153 2.48 0.10 6.79
CA ARG A 153 2.25 -0.62 5.54
C ARG A 153 0.85 -1.15 5.48
N LEU A 154 0.32 -1.51 6.63
CA LEU A 154 -1.07 -2.01 6.74
C LEU A 154 -2.07 -0.85 6.81
N GLY A 155 -1.63 0.36 7.18
CA GLY A 155 -2.54 1.51 7.27
C GLY A 155 -3.28 1.58 8.59
N PHE A 156 -2.60 1.21 9.67
CA PHE A 156 -3.19 1.33 11.01
C PHE A 156 -3.45 2.81 11.29
N PRO A 157 -4.54 3.12 12.01
CA PRO A 157 -4.72 4.50 12.46
C PRO A 157 -3.63 4.75 13.49
N GLU A 158 -3.24 6.01 13.68
CA GLU A 158 -2.17 6.32 14.63
C GLU A 158 -2.57 5.90 16.05
N GLY A 159 -1.61 5.33 16.78
CA GLY A 159 -1.86 4.87 18.16
C GLY A 159 -2.42 3.46 18.24
N TYR A 160 -2.96 2.96 17.14
CA TYR A 160 -3.52 1.61 17.13
C TYR A 160 -2.45 0.54 17.19
N ALA A 161 -2.84 -0.60 17.72
CA ALA A 161 -1.95 -1.74 17.85
C ALA A 161 -2.68 -2.96 17.28
N PHE A 162 -1.92 -4.02 17.01
CA PHE A 162 -2.46 -5.27 16.53
C PHE A 162 -3.41 -5.86 17.56
N GLY A 163 -4.58 -6.25 17.10
CA GLY A 163 -5.58 -6.88 17.95
C GLY A 163 -5.61 -8.36 17.65
N CYS A 164 -6.13 -8.69 16.47
CA CYS A 164 -6.21 -10.09 16.02
C CYS A 164 -6.29 -10.09 14.49
N SER A 165 -6.31 -11.28 13.90
CA SER A 165 -6.47 -11.38 12.47
C SER A 165 -7.19 -12.65 12.14
N VAL A 166 -7.78 -12.71 10.96
CA VAL A 166 -8.44 -13.91 10.48
C VAL A 166 -7.91 -14.22 9.11
N LEU A 167 -7.33 -15.40 8.90
CA LEU A 167 -6.78 -15.80 7.60
C LEU A 167 -7.93 -16.27 6.73
N LEU A 168 -7.88 -15.97 5.43
CA LEU A 168 -8.98 -16.35 4.53
C LEU A 168 -8.50 -17.02 3.21
N GLY A 169 -9.31 -17.92 2.69
CA GLY A 169 -8.98 -18.63 1.49
C GLY A 169 -9.84 -19.86 1.35
N HIS A 170 -9.57 -20.65 0.34
CA HIS A 170 -10.29 -21.91 0.18
C HIS A 170 -9.40 -22.98 0.77
N ALA A 171 -10.00 -24.02 1.32
CA ALA A 171 -9.25 -25.03 2.04
C ALA A 171 -8.60 -26.01 1.10
N ASN A 172 -7.28 -26.19 1.23
CA ASN A 172 -6.52 -27.21 0.52
C ASN A 172 -6.87 -28.53 1.20
N THR A 173 -6.87 -28.53 2.53
CA THR A 173 -7.32 -29.68 3.31
CA THR A 173 -7.31 -29.69 3.31
C THR A 173 -8.22 -29.17 4.44
N THR A 174 -9.11 -30.04 4.87
CA THR A 174 -10.12 -29.79 5.89
C THR A 174 -9.84 -30.54 7.21
N LYS A 175 -10.33 -30.02 8.34
CA LYS A 175 -10.18 -30.69 9.65
C LYS A 175 -11.38 -30.37 10.50
N PRO A 176 -11.79 -31.32 11.35
CA PRO A 176 -13.00 -31.08 12.13
C PRO A 176 -12.86 -30.00 13.19
N PRO A 177 -13.97 -29.34 13.53
CA PRO A 177 -13.89 -28.34 14.59
C PRO A 177 -13.64 -28.94 15.98
N HIS A 178 -13.38 -28.10 16.99
CA HIS A 178 -13.26 -28.63 18.34
C HIS A 178 -14.59 -29.29 18.75
N VAL A 179 -14.50 -30.38 19.49
CA VAL A 179 -15.68 -31.12 19.96
C VAL A 179 -16.30 -30.27 21.08
N PRO A 180 -17.57 -29.88 20.96
CA PRO A 180 -18.13 -29.03 22.04
C PRO A 180 -18.27 -29.74 23.36
N ASP A 181 -17.84 -29.08 24.43
CA ASP A 181 -17.87 -29.59 25.79
C ASP A 181 -19.17 -29.09 26.44
N LYS A 182 -20.19 -29.96 26.43
CA LYS A 182 -21.51 -29.62 26.97
C LYS A 182 -21.53 -29.36 28.47
N ASP A 183 -20.48 -29.85 29.15
CA ASP A 183 -20.31 -29.66 30.56
C ASP A 183 -20.10 -28.19 30.98
N LYS A 184 -19.64 -27.34 30.05
CA LYS A 184 -19.46 -25.91 30.35
C LYS A 184 -20.79 -25.13 30.37
N ILE A 185 -21.89 -25.81 30.06
CA ILE A 185 -23.22 -25.22 30.11
C ILE A 185 -23.86 -25.63 31.40
N THR A 186 -24.40 -24.65 32.14
CA THR A 186 -25.15 -24.91 33.35
C THR A 186 -26.35 -23.99 33.32
N TYR A 187 -27.32 -24.28 34.16
CA TYR A 187 -28.53 -23.49 34.26
C TYR A 187 -28.71 -23.05 35.70
N VAL A 188 -29.28 -21.86 35.90
CA VAL A 188 -29.63 -21.40 37.24
C VAL A 188 -31.11 -21.13 37.12
N GLU A 189 -31.89 -22.11 37.59
CA GLU A 189 -33.33 -22.07 37.51
C GLU A 189 -33.91 -21.09 38.53
N GLY B 1 -24.61 -5.86 -1.73
CA GLY B 1 -23.60 -6.94 -1.43
C GLY B 1 -24.20 -8.35 -1.36
N MSE B 2 -23.35 -9.36 -1.43
CA MSE B 2 -23.78 -10.77 -1.39
C MSE B 2 -24.59 -11.06 -0.15
O MSE B 2 -24.31 -10.50 0.91
CB MSE B 2 -22.60 -11.74 -1.41
CG MSE B 2 -21.74 -11.68 -2.63
SE MSE B 2 -20.47 -13.13 -2.48
CE MSE B 2 -21.75 -14.61 -2.81
N MSE B 3 -25.56 -11.96 -0.26
CA MSE B 3 -26.41 -12.25 0.89
C MSE B 3 -26.79 -13.73 1.00
O MSE B 3 -26.82 -14.47 0.03
CB MSE B 3 -27.66 -11.34 0.83
CG MSE B 3 -28.44 -11.18 2.16
SE MSE B 3 -27.46 -10.30 3.61
CE MSE B 3 -26.46 -8.99 2.58
N ASN B 4 -26.97 -14.13 2.24
CA ASN B 4 -27.39 -15.47 2.60
C ASN B 4 -28.00 -15.32 4.00
N GLU B 5 -28.53 -16.38 4.57
CA GLU B 5 -29.26 -16.23 5.83
C GLU B 5 -28.38 -15.83 6.99
N THR B 6 -27.15 -16.33 7.05
CA THR B 6 -26.21 -15.99 8.11
C THR B 6 -25.82 -14.52 8.04
N LEU B 7 -25.52 -14.05 6.83
CA LEU B 7 -25.17 -12.66 6.62
C LEU B 7 -26.39 -11.76 6.94
N LYS B 8 -27.61 -12.27 6.77
CA LYS B 8 -28.80 -11.46 7.07
C LYS B 8 -28.91 -11.34 8.59
N VAL B 9 -28.62 -12.45 9.28
CA VAL B 9 -28.64 -12.47 10.72
C VAL B 9 -27.59 -11.52 11.27
N ILE B 10 -26.41 -11.50 10.66
CA ILE B 10 -25.35 -10.59 11.09
C ILE B 10 -25.84 -9.15 10.91
N ALA B 11 -26.50 -8.87 9.78
CA ALA B 11 -26.95 -7.51 9.46
C ALA B 11 -28.09 -7.02 10.33
N GLU B 12 -29.03 -7.91 10.65
CA GLU B 12 -30.23 -7.53 11.40
C GLU B 12 -30.09 -7.54 12.93
N ARG B 13 -29.03 -8.15 13.46
CA ARG B 13 -28.82 -8.25 14.88
C ARG B 13 -28.70 -6.86 15.42
N TYR B 14 -29.45 -6.57 16.48
CA TYR B 14 -29.48 -5.23 17.05
C TYR B 14 -29.52 -5.39 18.58
N SER B 15 -29.20 -4.32 19.30
CA SER B 15 -29.25 -4.33 20.75
C SER B 15 -30.64 -4.01 21.26
N CYS B 16 -31.32 -4.98 21.83
CA CYS B 16 -32.67 -4.73 22.35
C CYS B 16 -32.62 -4.14 23.76
N ARG B 17 -33.38 -3.08 24.00
CA ARG B 17 -33.42 -2.48 25.33
C ARG B 17 -34.84 -2.34 25.92
N ASP B 18 -35.69 -3.31 25.62
CA ASP B 18 -37.05 -3.28 26.10
C ASP B 18 -37.62 -4.66 25.78
N PHE B 19 -37.59 -5.52 26.80
CA PHE B 19 -38.05 -6.91 26.67
C PHE B 19 -39.40 -7.18 27.31
N LYS B 20 -40.15 -8.11 26.73
CA LYS B 20 -41.40 -8.61 27.28
C LYS B 20 -40.97 -9.57 28.40
N ASN B 21 -41.88 -9.92 29.30
CA ASN B 21 -41.53 -10.81 30.41
C ASN B 21 -41.53 -12.31 30.03
N GLU B 22 -41.99 -12.61 28.81
CA GLU B 22 -42.06 -13.98 28.31
C GLU B 22 -40.69 -14.66 28.20
N MSE B 23 -40.57 -15.80 28.86
CA MSE B 23 -39.37 -16.60 28.88
C MSE B 23 -39.22 -17.37 27.57
O MSE B 23 -40.19 -17.99 27.09
CB MSE B 23 -39.48 -17.61 30.05
CG MSE B 23 -38.25 -18.50 30.29
SE MSE B 23 -36.72 -17.48 30.97
CE MSE B 23 -37.32 -17.06 32.77
N PRO B 24 -38.01 -17.32 26.97
CA PRO B 24 -37.76 -18.17 25.80
C PRO B 24 -37.83 -19.63 26.25
N SER B 25 -38.24 -20.52 25.35
CA SER B 25 -38.34 -21.94 25.69
C SER B 25 -36.96 -22.56 25.96
N ASP B 26 -36.95 -23.64 26.74
CA ASP B 26 -35.71 -24.38 27.02
C ASP B 26 -35.10 -24.89 25.73
N GLU B 27 -35.95 -25.28 24.80
CA GLU B 27 -35.53 -25.75 23.48
CA GLU B 27 -35.50 -25.76 23.50
C GLU B 27 -34.60 -24.69 22.85
N LEU B 28 -35.05 -23.44 22.85
CA LEU B 28 -34.27 -22.34 22.28
C LEU B 28 -33.04 -21.96 23.13
N LEU B 29 -33.20 -21.90 24.45
CA LEU B 29 -32.09 -21.59 25.33
C LEU B 29 -30.97 -22.60 25.14
N GLN B 30 -31.32 -23.87 24.99
CA GLN B 30 -30.36 -24.94 24.79
C GLN B 30 -29.63 -24.79 23.45
N ALA B 31 -30.35 -24.48 22.39
CA ALA B 31 -29.76 -24.29 21.05
C ALA B 31 -28.73 -23.18 21.10
N ILE B 32 -29.07 -22.10 21.82
CA ILE B 32 -28.20 -20.96 21.99
C ILE B 32 -26.95 -21.29 22.81
N ALA B 33 -27.10 -22.04 23.89
CA ALA B 33 -25.92 -22.36 24.71
C ALA B 33 -25.05 -23.41 23.98
N GLU B 34 -25.64 -24.25 23.13
CA GLU B 34 -24.88 -25.26 22.39
CA GLU B 34 -24.89 -25.26 22.42
C GLU B 34 -24.06 -24.50 21.37
N ALA B 35 -24.64 -23.44 20.80
CA ALA B 35 -23.95 -22.63 19.82
C ALA B 35 -22.75 -21.93 20.48
N ALA B 36 -22.96 -21.42 21.69
CA ALA B 36 -21.90 -20.72 22.40
C ALA B 36 -20.64 -21.61 22.60
N ILE B 37 -20.84 -22.85 23.03
CA ILE B 37 -19.71 -23.73 23.28
C ILE B 37 -19.01 -24.16 21.99
N GLN B 38 -19.59 -23.83 20.84
CA GLN B 38 -18.96 -24.12 19.55
C GLN B 38 -18.06 -22.94 19.12
N ALA B 39 -17.99 -21.92 19.98
CA ALA B 39 -17.12 -20.79 19.74
C ALA B 39 -15.65 -21.20 19.77
N PRO B 40 -14.84 -20.66 18.87
CA PRO B 40 -13.43 -20.98 18.97
C PRO B 40 -12.77 -20.15 20.06
N SER B 41 -11.65 -20.66 20.56
CA SER B 41 -10.89 -19.97 21.57
C SER B 41 -9.40 -20.22 21.37
N GLY B 42 -8.57 -19.21 21.62
CA GLY B 42 -7.10 -19.34 21.49
C GLY B 42 -6.56 -20.56 22.23
N MSE B 43 -5.75 -21.39 21.56
CA MSE B 43 -5.23 -22.67 22.10
C MSE B 43 -6.38 -23.64 22.51
O MSE B 43 -6.12 -24.58 23.23
CB MSE B 43 -4.36 -22.47 23.34
CG MSE B 43 -3.25 -21.42 23.27
SE MSE B 43 -1.62 -21.98 22.42
CE MSE B 43 -2.23 -22.23 20.57
N ASN B 44 -7.60 -23.41 22.05
CA ASN B 44 -8.78 -24.18 22.49
C ASN B 44 -8.90 -24.26 24.03
N ARG B 45 -8.39 -23.23 24.71
CA ARG B 45 -8.34 -23.17 26.18
C ARG B 45 -9.74 -23.03 26.81
N GLN B 46 -10.72 -22.52 26.06
CA GLN B 46 -12.10 -22.40 26.53
C GLN B 46 -12.13 -21.96 28.01
N ALA B 47 -11.47 -20.84 28.29
CA ALA B 47 -11.37 -20.30 29.64
C ALA B 47 -12.63 -19.49 29.98
N TRP B 48 -13.77 -20.13 29.77
CA TRP B 48 -15.07 -19.56 30.02
C TRP B 48 -16.06 -20.60 30.46
N ARG B 49 -17.27 -20.17 30.80
CA ARG B 49 -18.40 -21.08 31.09
C ARG B 49 -19.65 -20.40 30.55
N VAL B 50 -20.69 -21.19 30.28
CA VAL B 50 -21.94 -20.67 29.73
C VAL B 50 -23.03 -20.96 30.78
N ILE B 51 -23.37 -19.93 31.56
CA ILE B 51 -24.35 -20.04 32.62
C ILE B 51 -25.66 -19.40 32.17
N VAL B 52 -26.67 -20.23 31.90
CA VAL B 52 -27.99 -19.74 31.44
C VAL B 52 -28.81 -19.44 32.68
N VAL B 53 -29.00 -18.16 32.96
CA VAL B 53 -29.69 -17.73 34.15
C VAL B 53 -31.13 -17.40 33.85
N LYS B 54 -32.05 -18.03 34.58
CA LYS B 54 -33.50 -17.81 34.45
C LYS B 54 -34.17 -17.38 35.77
N ASN B 55 -33.41 -17.38 36.86
CA ASN B 55 -33.94 -17.06 38.17
C ASN B 55 -34.17 -15.56 38.30
N LYS B 56 -35.45 -15.17 38.45
CA LYS B 56 -35.82 -13.76 38.52
C LYS B 56 -35.22 -13.04 39.74
N GLU B 57 -35.32 -13.70 40.88
CA GLU B 57 -34.82 -13.11 42.12
C GLU B 57 -33.36 -12.73 41.99
N LEU B 58 -32.52 -13.67 41.53
CA LEU B 58 -31.08 -13.43 41.41
C LEU B 58 -30.82 -12.30 40.42
N MSE B 59 -31.57 -12.29 39.32
CA MSE B 59 -31.41 -11.25 38.32
C MSE B 59 -31.72 -9.87 38.91
O MSE B 59 -30.93 -8.95 38.74
CB MSE B 59 -32.27 -11.54 37.09
CG MSE B 59 -31.76 -12.70 36.23
SE MSE B 59 -32.53 -12.65 34.48
CE MSE B 59 -31.79 -10.98 33.95
N GLN B 60 -32.87 -9.74 39.60
CA GLN B 60 -33.25 -8.48 40.26
C GLN B 60 -32.20 -8.04 41.30
N GLU B 61 -31.63 -8.99 42.03
CA GLU B 61 -30.66 -8.63 43.05
C GLU B 61 -29.37 -8.08 42.46
N MSE B 62 -28.91 -8.71 41.38
CA MSE B 62 -27.70 -8.28 40.74
C MSE B 62 -27.93 -6.92 40.09
O MSE B 62 -27.04 -6.06 40.05
CB MSE B 62 -27.25 -9.32 39.69
CG MSE B 62 -26.80 -10.63 40.28
SE MSE B 62 -26.36 -11.99 38.97
CE MSE B 62 -24.96 -11.02 38.08
N GLU B 63 -29.15 -6.70 39.60
CA GLU B 63 -29.50 -5.43 38.96
C GLU B 63 -29.50 -4.30 39.98
N ALA B 64 -30.17 -4.53 41.12
CA ALA B 64 -30.26 -3.54 42.18
C ALA B 64 -28.88 -3.24 42.78
N GLU B 65 -28.03 -4.26 42.91
CA GLU B 65 -26.66 -4.06 43.38
C GLU B 65 -25.88 -3.24 42.36
N GLY B 66 -26.01 -3.60 41.08
CA GLY B 66 -25.32 -2.87 40.01
C GLY B 66 -25.66 -1.38 40.08
N LEU B 67 -26.96 -1.07 40.07
CA LEU B 67 -27.41 0.32 40.15
C LEU B 67 -26.87 1.05 41.37
N ALA B 68 -26.82 0.36 42.51
CA ALA B 68 -26.37 0.98 43.76
C ALA B 68 -24.88 1.30 43.75
N TYR B 69 -24.09 0.49 43.05
CA TYR B 69 -22.68 0.76 42.93
C TYR B 69 -22.54 2.04 42.15
N LEU B 70 -23.25 2.14 41.03
CA LEU B 70 -23.20 3.33 40.20
C LEU B 70 -23.71 4.54 40.98
N ALA B 71 -24.83 4.37 41.67
CA ALA B 71 -25.38 5.46 42.48
C ALA B 71 -24.49 5.85 43.67
N GLY B 72 -23.48 5.03 43.98
CA GLY B 72 -22.55 5.31 45.09
C GLY B 72 -21.28 6.08 44.75
N MSE B 73 -20.94 6.19 43.48
CA MSE B 73 -19.73 6.91 43.06
C MSE B 73 -19.89 8.40 43.30
O MSE B 73 -21.00 8.88 43.39
CB MSE B 73 -19.50 6.70 41.57
CG MSE B 73 -19.23 5.27 41.19
SE MSE B 73 -19.33 5.06 39.33
CE MSE B 73 -18.60 3.29 39.26
N GLU B 74 -18.76 9.12 43.38
CA GLU B 74 -18.76 10.58 43.54
C GLU B 74 -19.41 11.26 42.35
N ASP B 75 -19.11 10.72 41.18
CA ASP B 75 -19.64 11.23 39.93
C ASP B 75 -20.78 10.29 39.54
N GLN B 76 -21.98 10.81 39.76
CA GLN B 76 -23.24 10.10 39.55
C GLN B 76 -23.76 10.17 38.09
N SER B 77 -23.03 10.90 37.23
CA SER B 77 -23.38 11.14 35.82
C SER B 77 -23.87 9.89 35.14
N SER B 78 -23.09 8.84 35.24
CA SER B 78 -23.45 7.57 34.64
C SER B 78 -24.76 7.02 35.20
N TYR B 79 -24.93 7.02 36.52
CA TYR B 79 -26.17 6.53 37.11
C TYR B 79 -27.38 7.38 36.71
N ASN B 80 -27.14 8.67 36.45
CA ASN B 80 -28.21 9.56 36.05
C ASN B 80 -28.62 9.34 34.58
N ARG B 81 -27.67 9.05 33.69
CA ARG B 81 -28.01 8.77 32.29
C ARG B 81 -28.92 7.52 32.27
N ILE B 82 -28.60 6.51 33.09
CA ILE B 82 -29.41 5.29 33.23
C ILE B 82 -30.82 5.52 33.81
N MSE B 83 -30.97 6.34 34.86
CA MSE B 83 -32.30 6.59 35.41
C MSE B 83 -33.20 7.36 34.44
O MSE B 83 -34.43 7.25 34.51
CB MSE B 83 -32.24 7.34 36.76
CG MSE B 83 -31.60 6.55 37.89
SE MSE B 83 -32.32 4.77 38.28
CE MSE B 83 -33.83 5.22 39.41
N GLU B 84 -32.59 8.14 33.54
CA GLU B 84 -33.29 8.93 32.52
C GLU B 84 -33.71 8.07 31.30
N ARG B 85 -33.08 6.93 31.14
CA ARG B 85 -33.33 6.01 30.03
C ARG B 85 -34.36 4.91 30.40
N GLY B 86 -34.86 4.91 31.64
CA GLY B 86 -35.78 3.85 32.10
C GLY B 86 -35.48 3.26 33.47
N GLY B 87 -34.24 3.43 33.94
CA GLY B 87 -33.82 2.95 35.26
C GLY B 87 -33.60 1.45 35.38
N ARG B 88 -33.43 0.80 34.23
CA ARG B 88 -33.23 -0.62 34.20
C ARG B 88 -31.89 -0.87 33.58
N LEU B 89 -31.24 -1.88 34.11
CA LEU B 89 -29.93 -2.29 33.66
C LEU B 89 -30.15 -3.50 32.74
N PHE B 90 -31.13 -4.34 33.05
CA PHE B 90 -31.45 -5.50 32.24
C PHE B 90 -32.68 -5.35 31.34
N TYR B 91 -33.22 -4.15 31.26
CA TYR B 91 -34.35 -3.80 30.42
C TYR B 91 -35.55 -4.78 30.47
N GLY B 92 -35.79 -5.34 31.66
CA GLY B 92 -36.91 -6.25 31.87
C GLY B 92 -36.71 -7.65 31.28
N ALA B 93 -35.47 -7.99 30.94
CA ALA B 93 -35.15 -9.29 30.35
C ALA B 93 -35.41 -10.35 31.38
N PRO B 94 -36.06 -11.45 30.98
CA PRO B 94 -36.37 -12.52 31.91
C PRO B 94 -35.28 -13.57 32.06
N CYS B 95 -34.20 -13.47 31.28
CA CYS B 95 -33.08 -14.40 31.41
C CYS B 95 -31.85 -13.85 30.72
N MSE B 96 -30.71 -14.43 31.04
CA MSE B 96 -29.45 -13.98 30.46
C MSE B 96 -28.44 -15.09 30.54
O MSE B 96 -28.57 -16.01 31.34
CB MSE B 96 -28.90 -12.74 31.19
CG MSE B 96 -28.50 -12.96 32.65
SE MSE B 96 -27.79 -11.37 33.44
CE MSE B 96 -27.60 -12.00 35.27
N ILE B 97 -27.43 -15.01 29.70
CA ILE B 97 -26.33 -15.92 29.77
C ILE B 97 -25.18 -15.11 30.29
N VAL B 98 -24.63 -15.57 31.41
CA VAL B 98 -23.46 -14.94 32.04
C VAL B 98 -22.24 -15.74 31.64
N VAL B 99 -21.19 -15.05 31.17
CA VAL B 99 -19.95 -15.68 30.73
C VAL B 99 -18.79 -15.28 31.62
N PRO B 100 -18.52 -16.08 32.66
CA PRO B 100 -17.36 -15.77 33.49
C PRO B 100 -16.08 -16.21 32.79
N ILE B 101 -14.95 -15.67 33.21
CA ILE B 101 -13.70 -15.99 32.54
C ILE B 101 -12.57 -16.14 33.54
N ASP B 102 -11.52 -16.84 33.11
CA ASP B 102 -10.33 -17.03 33.93
C ASP B 102 -9.50 -15.77 33.72
N PRO B 103 -9.28 -14.97 34.78
CA PRO B 103 -8.50 -13.75 34.61
C PRO B 103 -6.97 -13.94 34.47
N THR B 104 -6.44 -15.13 34.78
CA THR B 104 -5.00 -15.41 34.69
C THR B 104 -4.62 -15.73 33.25
N GLN B 105 -5.62 -15.68 32.37
CA GLN B 105 -5.45 -15.88 30.93
C GLN B 105 -5.44 -14.48 30.25
N TYR B 106 -5.48 -13.43 31.07
CA TYR B 106 -5.35 -12.03 30.64
C TYR B 106 -6.13 -11.64 29.36
N GLY B 107 -5.50 -10.93 28.43
CA GLY B 107 -6.14 -10.48 27.21
C GLY B 107 -6.69 -11.57 26.33
N PRO B 108 -5.96 -12.66 26.19
CA PRO B 108 -6.51 -13.72 25.36
C PRO B 108 -7.90 -14.22 25.82
N ALA B 109 -8.15 -14.23 27.14
CA ALA B 109 -9.46 -14.67 27.65
C ALA B 109 -10.60 -13.68 27.31
N LEU B 110 -10.29 -12.40 27.21
CA LEU B 110 -11.27 -11.40 26.82
C LEU B 110 -11.64 -11.54 25.35
N VAL B 111 -10.66 -11.68 24.45
CA VAL B 111 -10.94 -11.90 23.03
C VAL B 111 -11.91 -13.13 22.90
N ASP B 112 -11.51 -14.26 23.48
CA ASP B 112 -12.32 -15.46 23.49
C ASP B 112 -13.71 -15.17 24.03
N CYS B 113 -13.77 -14.33 25.06
CA CYS B 113 -15.04 -13.98 25.67
C CYS B 113 -15.96 -13.31 24.67
N GLY B 114 -15.40 -12.36 23.90
CA GLY B 114 -16.17 -11.63 22.89
C GLY B 114 -16.59 -12.54 21.74
N ILE B 115 -15.72 -13.48 21.40
CA ILE B 115 -16.02 -14.45 20.36
C ILE B 115 -17.23 -15.25 20.75
N LEU B 116 -17.32 -15.65 22.01
CA LEU B 116 -18.44 -16.45 22.45
C LEU B 116 -19.73 -15.62 22.58
N CYS B 117 -19.61 -14.40 23.11
CA CYS B 117 -20.81 -13.57 23.28
C CYS B 117 -21.45 -13.25 21.94
N GLN B 118 -20.64 -13.00 20.91
CA GLN B 118 -21.18 -12.74 19.56
C GLN B 118 -21.82 -14.02 19.03
N THR B 119 -21.23 -15.18 19.30
CA THR B 119 -21.84 -16.43 18.84
C THR B 119 -23.24 -16.59 19.46
N ILE B 120 -23.35 -16.26 20.75
CA ILE B 120 -24.65 -16.27 21.41
C ILE B 120 -25.63 -15.30 20.71
N ALA B 121 -25.20 -14.05 20.52
CA ALA B 121 -26.08 -13.03 19.96
C ALA B 121 -26.57 -13.43 18.58
N LEU B 122 -25.67 -13.93 17.75
CA LEU B 122 -26.07 -14.34 16.40
C LEU B 122 -26.99 -15.56 16.46
N ALA B 123 -26.67 -16.52 17.31
CA ALA B 123 -27.55 -17.70 17.44
C ALA B 123 -28.95 -17.29 17.91
N ALA B 124 -29.02 -16.39 18.89
CA ALA B 124 -30.30 -15.94 19.41
C ALA B 124 -31.10 -15.22 18.32
N THR B 125 -30.40 -14.37 17.56
CA THR B 125 -31.06 -13.57 16.54
C THR B 125 -31.64 -14.46 15.44
N SER B 126 -30.92 -15.53 15.08
CA SER B 126 -31.38 -16.48 14.05
C SER B 126 -32.61 -17.21 14.52
N LEU B 127 -32.76 -17.33 15.84
CA LEU B 127 -33.91 -18.05 16.45
C LEU B 127 -35.07 -17.13 16.81
N GLY B 128 -34.99 -15.87 16.41
CA GLY B 128 -36.05 -14.92 16.71
C GLY B 128 -36.03 -14.45 18.16
N ILE B 129 -34.92 -14.71 18.87
CA ILE B 129 -34.76 -14.27 20.25
C ILE B 129 -33.95 -12.96 20.31
N ALA B 130 -34.59 -11.91 20.83
CA ALA B 130 -33.97 -10.61 20.99
C ALA B 130 -32.88 -10.71 22.05
N ASN B 131 -31.86 -9.90 21.90
CA ASN B 131 -30.71 -9.96 22.80
C ASN B 131 -29.93 -8.64 22.88
N ILE B 132 -29.04 -8.58 23.87
CA ILE B 132 -28.13 -7.47 24.01
C ILE B 132 -26.96 -7.89 24.89
N MSE B 133 -25.73 -7.51 24.49
CA MSE B 133 -24.52 -7.71 25.30
C MSE B 133 -24.62 -6.72 26.46
O MSE B 133 -24.93 -5.54 26.28
CB MSE B 133 -23.23 -7.44 24.51
CG MSE B 133 -22.44 -8.69 24.09
SE MSE B 133 -23.24 -9.70 22.71
CE MSE B 133 -22.21 -9.07 21.27
N CYS B 134 -24.37 -7.17 27.68
CA CYS B 134 -24.52 -6.27 28.80
C CYS B 134 -23.35 -6.43 29.70
N GLY B 135 -22.46 -5.46 29.66
CA GLY B 135 -21.30 -5.45 30.53
C GLY B 135 -21.66 -4.98 31.92
N TYR B 136 -22.84 -4.35 32.02
CA TYR B 136 -23.31 -3.80 33.30
C TYR B 136 -23.67 -4.87 34.33
N THR B 137 -23.97 -6.09 33.88
CA THR B 137 -24.20 -7.18 34.83
C THR B 137 -22.98 -7.25 35.74
N GLY B 138 -21.81 -6.87 35.20
CA GLY B 138 -20.55 -6.88 35.94
C GLY B 138 -20.52 -6.01 37.18
N LEU B 139 -21.41 -5.03 37.26
CA LEU B 139 -21.47 -4.13 38.40
C LEU B 139 -21.96 -4.84 39.68
N ALA B 140 -22.59 -6.00 39.53
CA ALA B 140 -23.03 -6.78 40.69
C ALA B 140 -21.85 -7.28 41.53
N PHE B 141 -20.66 -7.36 40.92
CA PHE B 141 -19.47 -7.87 41.59
C PHE B 141 -18.48 -6.80 41.96
N ALA B 142 -18.72 -5.59 41.46
CA ALA B 142 -17.75 -4.50 41.53
C ALA B 142 -17.29 -4.04 42.89
N SER B 143 -18.17 -4.03 43.88
CA SER B 143 -17.78 -3.58 45.22
C SER B 143 -16.92 -4.61 45.92
N GLY B 144 -17.00 -5.86 45.46
CA GLY B 144 -16.29 -6.96 46.07
C GLY B 144 -17.04 -7.53 47.28
N LEU B 145 -18.01 -6.79 47.79
CA LEU B 145 -18.76 -7.16 49.02
C LEU B 145 -19.81 -8.26 48.78
N ARG B 146 -20.39 -8.29 47.58
CA ARG B 146 -21.32 -9.34 47.22
C ARG B 146 -20.81 -10.21 46.08
N ALA B 147 -19.53 -10.06 45.73
CA ALA B 147 -18.95 -10.82 44.60
C ALA B 147 -18.90 -12.33 44.80
N GLU B 148 -18.48 -12.80 45.97
CA GLU B 148 -18.39 -14.26 46.22
C GLU B 148 -19.78 -14.87 46.26
N GLU B 149 -20.73 -14.17 46.86
CA GLU B 149 -22.12 -14.60 46.92
C GLU B 149 -22.70 -14.81 45.52
N PHE B 150 -22.68 -13.76 44.68
CA PHE B 150 -23.21 -13.93 43.35
C PHE B 150 -22.43 -15.01 42.60
N SER B 151 -21.13 -15.13 42.84
CA SER B 151 -20.34 -16.14 42.14
C SER B 151 -20.83 -17.53 42.46
N LYS B 152 -21.10 -17.80 43.73
CA LYS B 152 -21.58 -19.12 44.12
C LYS B 152 -23.01 -19.33 43.66
N ARG B 153 -23.84 -18.32 43.75
CA ARG B 153 -25.22 -18.49 43.32
C ARG B 153 -25.28 -18.76 41.81
N LEU B 154 -24.33 -18.18 41.07
CA LEU B 154 -24.28 -18.40 39.61
C LEU B 154 -23.57 -19.69 39.28
N GLY B 155 -22.71 -20.15 40.18
CA GLY B 155 -21.94 -21.36 39.99
C GLY B 155 -20.64 -21.14 39.24
N PHE B 156 -20.06 -19.96 39.36
CA PHE B 156 -18.77 -19.66 38.73
C PHE B 156 -17.71 -20.65 39.21
N PRO B 157 -16.75 -21.02 38.34
CA PRO B 157 -15.64 -21.80 38.87
C PRO B 157 -14.76 -20.91 39.75
N GLU B 158 -14.09 -21.51 40.73
CA GLU B 158 -13.23 -20.77 41.65
C GLU B 158 -12.19 -19.96 40.88
N GLY B 159 -12.04 -18.69 41.23
CA GLY B 159 -11.06 -17.85 40.55
C GLY B 159 -11.58 -17.08 39.35
N TYR B 160 -12.69 -17.53 38.76
CA TYR B 160 -13.27 -16.87 37.61
C TYR B 160 -13.94 -15.57 37.99
N ALA B 161 -13.84 -14.60 37.10
CA ALA B 161 -14.45 -13.31 37.27
C ALA B 161 -15.44 -13.06 36.13
N PHE B 162 -16.30 -12.07 36.27
CA PHE B 162 -17.24 -11.75 35.20
C PHE B 162 -16.54 -11.30 33.93
N GLY B 163 -17.02 -11.80 32.79
CA GLY B 163 -16.45 -11.47 31.48
C GLY B 163 -17.41 -10.61 30.71
N CYS B 164 -18.60 -11.13 30.46
CA CYS B 164 -19.64 -10.38 29.79
C CYS B 164 -20.93 -11.15 29.94
N SER B 165 -22.02 -10.61 29.43
CA SER B 165 -23.29 -11.32 29.53
C SER B 165 -24.11 -10.97 28.34
N VAL B 166 -25.08 -11.80 28.01
CA VAL B 166 -25.98 -11.51 26.90
C VAL B 166 -27.37 -11.69 27.42
N LEU B 167 -28.19 -10.64 27.37
CA LEU B 167 -29.57 -10.72 27.86
C LEU B 167 -30.42 -11.30 26.73
N LEU B 168 -31.45 -12.07 27.08
CA LEU B 168 -32.28 -12.73 26.10
C LEU B 168 -33.76 -12.64 26.41
N GLY B 169 -34.57 -12.50 25.36
CA GLY B 169 -36.02 -12.49 25.51
C GLY B 169 -36.69 -12.14 24.20
N HIS B 170 -37.93 -11.69 24.28
CA HIS B 170 -38.67 -11.22 23.11
C HIS B 170 -38.76 -9.70 23.19
N ALA B 171 -38.52 -9.02 22.06
CA ALA B 171 -38.57 -7.56 22.02
C ALA B 171 -39.97 -7.01 22.23
N ASN B 172 -40.09 -6.06 23.15
CA ASN B 172 -41.33 -5.35 23.34
C ASN B 172 -41.26 -4.22 22.33
N THR B 173 -40.12 -3.53 22.28
CA THR B 173 -39.88 -2.46 21.32
C THR B 173 -38.54 -2.69 20.60
N THR B 174 -38.55 -2.37 19.31
CA THR B 174 -37.42 -2.55 18.40
C THR B 174 -36.44 -1.36 18.31
N LYS B 175 -35.32 -1.60 17.65
CA LYS B 175 -34.30 -0.59 17.35
C LYS B 175 -33.51 -1.03 16.11
N PRO B 176 -33.17 -0.09 15.22
CA PRO B 176 -32.34 -0.55 14.12
C PRO B 176 -30.92 -0.81 14.60
N PRO B 177 -30.21 -1.71 13.94
CA PRO B 177 -28.82 -1.85 14.37
C PRO B 177 -28.01 -0.61 13.99
N HIS B 178 -26.83 -0.48 14.57
CA HIS B 178 -25.92 0.62 14.23
C HIS B 178 -25.64 0.55 12.73
N VAL B 179 -25.46 1.72 12.12
CA VAL B 179 -25.18 1.79 10.70
C VAL B 179 -23.75 1.29 10.50
N PRO B 180 -23.56 0.38 9.57
CA PRO B 180 -22.19 -0.01 9.29
C PRO B 180 -21.37 1.19 8.76
N ASP B 181 -20.21 1.42 9.37
CA ASP B 181 -19.29 2.47 8.92
C ASP B 181 -18.38 1.86 7.87
N LYS B 182 -18.70 2.04 6.59
CA LYS B 182 -17.89 1.51 5.51
C LYS B 182 -16.47 2.08 5.47
N ASP B 183 -16.26 3.27 6.03
CA ASP B 183 -14.92 3.88 6.09
C ASP B 183 -13.92 3.12 6.99
N LYS B 184 -14.42 2.17 7.79
CA LYS B 184 -13.52 1.34 8.61
C LYS B 184 -12.94 0.12 7.87
N ILE B 185 -13.32 -0.07 6.60
CA ILE B 185 -12.79 -1.15 5.79
C ILE B 185 -11.84 -0.56 4.75
N THR B 186 -10.59 -1.01 4.74
CA THR B 186 -9.65 -0.65 3.68
C THR B 186 -9.05 -1.93 3.12
N TYR B 187 -8.40 -1.82 1.96
CA TYR B 187 -7.76 -2.93 1.30
C TYR B 187 -6.27 -2.68 1.09
N VAL B 188 -5.42 -3.65 1.40
CA VAL B 188 -3.99 -3.51 1.13
C VAL B 188 -3.72 -4.49 -0.01
N GLU B 189 -3.67 -3.95 -1.22
CA GLU B 189 -3.51 -4.73 -2.44
C GLU B 189 -2.05 -5.06 -2.67
N MSE C 2 -6.90 9.40 -23.82
CA MSE C 2 -6.61 8.32 -22.82
C MSE C 2 -5.84 8.85 -21.62
O MSE C 2 -4.98 9.72 -21.77
CB MSE C 2 -5.76 7.22 -23.42
CG MSE C 2 -6.31 6.59 -24.67
SE MSE C 2 -5.55 4.82 -24.93
CE MSE C 2 -6.52 3.87 -23.52
N MSE C 3 -6.13 8.30 -20.43
CA MSE C 3 -5.46 8.75 -19.20
C MSE C 3 -5.37 7.65 -18.12
O MSE C 3 -6.27 6.84 -17.96
CB MSE C 3 -6.18 9.97 -18.61
CG MSE C 3 -5.27 10.91 -17.76
SE MSE C 3 -4.14 12.17 -18.79
CE MSE C 3 -5.52 13.20 -19.74
N ASN C 4 -4.23 7.62 -17.43
CA ASN C 4 -3.98 6.73 -16.29
C ASN C 4 -3.13 7.55 -15.30
N GLU C 5 -2.74 6.98 -14.16
CA GLU C 5 -1.97 7.76 -13.16
C GLU C 5 -0.59 8.23 -13.65
N THR C 6 0.08 7.41 -14.43
CA THR C 6 1.41 7.77 -14.93
C THR C 6 1.29 8.95 -15.90
N LEU C 7 0.34 8.86 -16.82
CA LEU C 7 0.12 9.94 -17.76
C LEU C 7 -0.39 11.23 -17.04
N LYS C 8 -1.10 11.12 -15.93
CA LYS C 8 -1.53 12.30 -15.19
C LYS C 8 -0.30 12.90 -14.47
N VAL C 9 0.58 12.05 -13.95
CA VAL C 9 1.80 12.54 -13.30
C VAL C 9 2.72 13.24 -14.29
N ILE C 10 2.82 12.73 -15.49
CA ILE C 10 3.65 13.35 -16.51
C ILE C 10 3.09 14.72 -16.85
N ALA C 11 1.76 14.79 -16.90
CA ALA C 11 1.05 15.99 -17.30
C ALA C 11 0.96 17.05 -16.22
N GLU C 12 1.02 16.63 -14.94
CA GLU C 12 0.85 17.57 -13.86
C GLU C 12 2.18 17.99 -13.25
N ARG C 13 3.23 17.24 -13.52
CA ARG C 13 4.56 17.62 -13.07
C ARG C 13 4.87 19.07 -13.49
N TYR C 14 5.34 19.89 -12.57
CA TYR C 14 5.68 21.29 -12.85
C TYR C 14 7.03 21.62 -12.20
N SER C 15 7.61 22.74 -12.60
CA SER C 15 8.87 23.21 -11.99
C SER C 15 8.52 24.07 -10.79
N CYS C 16 8.74 23.54 -9.58
CA CYS C 16 8.44 24.30 -8.36
C CYS C 16 9.57 25.28 -8.07
N ARG C 17 9.22 26.55 -7.85
CA ARG C 17 10.23 27.57 -7.49
C ARG C 17 9.87 28.31 -6.22
N ASP C 18 9.28 27.61 -5.26
CA ASP C 18 8.87 28.19 -3.97
C ASP C 18 8.62 27.01 -3.02
N PHE C 19 9.69 26.55 -2.34
CA PHE C 19 9.65 25.38 -1.47
C PHE C 19 9.48 25.71 -0.01
N LYS C 20 8.87 24.78 0.71
CA LYS C 20 8.70 24.89 2.16
C LYS C 20 9.99 24.35 2.73
N ASN C 21 10.34 24.75 3.95
CA ASN C 21 11.60 24.31 4.57
C ASN C 21 11.64 22.87 5.13
N GLU C 22 10.49 22.23 5.33
CA GLU C 22 10.46 20.90 5.96
C GLU C 22 11.03 19.80 5.06
N MSE C 23 11.86 18.97 5.68
CA MSE C 23 12.54 17.90 5.01
C MSE C 23 11.59 16.73 4.68
O MSE C 23 10.80 16.30 5.53
CB MSE C 23 13.66 17.40 5.96
CG MSE C 23 14.58 16.33 5.38
SE MSE C 23 15.66 16.96 3.91
CE MSE C 23 16.73 18.33 4.83
N PRO C 24 11.66 16.22 3.44
CA PRO C 24 10.84 15.04 3.14
C PRO C 24 11.39 13.84 3.89
N SER C 25 10.51 12.91 4.25
CA SER C 25 10.89 11.74 5.01
C SER C 25 11.95 10.93 4.32
N ASP C 26 12.77 10.25 5.10
CA ASP C 26 13.79 9.37 4.54
C ASP C 26 13.14 8.34 3.60
N GLU C 27 11.93 7.93 3.94
CA GLU C 27 11.19 6.95 3.17
C GLU C 27 10.87 7.46 1.77
N LEU C 28 10.44 8.71 1.67
CA LEU C 28 10.13 9.34 0.40
C LEU C 28 11.41 9.51 -0.43
N LEU C 29 12.48 10.00 0.19
CA LEU C 29 13.75 10.17 -0.50
C LEU C 29 14.30 8.87 -1.05
N GLN C 30 14.16 7.79 -0.28
CA GLN C 30 14.67 6.50 -0.69
C GLN C 30 13.88 6.00 -1.87
N ALA C 31 12.57 6.24 -1.87
CA ALA C 31 11.72 5.84 -2.95
C ALA C 31 12.09 6.53 -4.25
N ILE C 32 12.47 7.80 -4.15
CA ILE C 32 12.85 8.63 -5.31
C ILE C 32 14.22 8.20 -5.82
N ALA C 33 15.15 7.92 -4.90
CA ALA C 33 16.51 7.45 -5.27
C ALA C 33 16.43 6.07 -5.93
N GLU C 34 15.52 5.22 -5.44
CA GLU C 34 15.34 3.88 -5.96
C GLU C 34 14.82 3.91 -7.38
N ALA C 35 13.95 4.88 -7.65
CA ALA C 35 13.41 5.03 -8.98
C ALA C 35 14.51 5.57 -9.88
N ALA C 36 15.28 6.55 -9.37
CA ALA C 36 16.39 7.12 -10.17
C ALA C 36 17.27 6.02 -10.76
N ILE C 37 17.73 5.10 -9.93
CA ILE C 37 18.62 4.01 -10.40
C ILE C 37 17.96 2.96 -11.34
N GLN C 38 16.65 3.09 -11.56
CA GLN C 38 15.93 2.19 -12.46
C GLN C 38 15.88 2.83 -13.86
N ALA C 39 16.61 3.92 -14.03
CA ALA C 39 16.65 4.63 -15.30
C ALA C 39 17.46 3.86 -16.30
N PRO C 40 16.99 3.77 -17.54
CA PRO C 40 17.81 3.11 -18.54
C PRO C 40 18.95 4.02 -18.95
N SER C 41 20.04 3.43 -19.43
CA SER C 41 21.18 4.17 -19.92
C SER C 41 21.75 3.38 -21.11
N GLY C 42 22.39 4.07 -22.04
CA GLY C 42 23.00 3.38 -23.17
C GLY C 42 23.95 2.31 -22.67
N MSE C 43 23.83 1.12 -23.24
CA MSE C 43 24.64 -0.05 -22.88
C MSE C 43 24.61 -0.35 -21.40
O MSE C 43 25.53 -0.98 -20.87
CB MSE C 43 26.11 0.16 -23.30
CG MSE C 43 26.82 -1.17 -23.60
SE MSE C 43 28.72 -1.03 -23.84
CE MSE C 43 29.20 -0.86 -21.94
N ASN C 44 23.56 0.10 -20.72
CA ASN C 44 23.46 -0.01 -19.29
C ASN C 44 24.75 0.48 -18.57
N ARG C 45 25.41 1.49 -19.14
CA ARG C 45 26.68 2.01 -18.61
C ARG C 45 26.52 2.72 -17.24
N GLN C 46 25.34 3.29 -17.00
CA GLN C 46 25.07 3.94 -15.73
C GLN C 46 26.22 4.85 -15.29
N ALA C 47 26.68 5.69 -16.22
CA ALA C 47 27.77 6.63 -16.00
C ALA C 47 27.22 7.81 -15.23
N TRP C 48 26.68 7.50 -14.05
CA TRP C 48 26.11 8.48 -13.15
C TRP C 48 26.08 7.98 -11.76
N ARG C 49 25.70 8.86 -10.83
CA ARG C 49 25.44 8.50 -9.43
C ARG C 49 24.23 9.31 -9.02
N VAL C 50 23.59 8.88 -7.94
CA VAL C 50 22.41 9.51 -7.37
C VAL C 50 22.79 9.90 -5.94
N ILE C 51 23.05 11.20 -5.77
CA ILE C 51 23.57 11.76 -4.51
C ILE C 51 22.48 12.62 -3.88
N VAL C 52 21.91 12.06 -2.82
CA VAL C 52 20.82 12.69 -2.08
C VAL C 52 21.45 13.64 -1.06
N VAL C 53 21.34 14.94 -1.31
CA VAL C 53 21.95 15.93 -0.42
C VAL C 53 20.97 16.49 0.58
N LYS C 54 21.19 16.23 1.87
CA LYS C 54 20.32 16.80 2.93
C LYS C 54 21.05 17.82 3.81
N ASN C 55 22.33 18.05 3.53
CA ASN C 55 23.20 18.98 4.28
C ASN C 55 22.92 20.46 3.92
N LYS C 56 22.30 21.18 4.84
CA LYS C 56 21.90 22.57 4.61
C LYS C 56 23.10 23.49 4.37
N GLU C 57 24.12 23.35 5.21
CA GLU C 57 25.29 24.19 5.07
C GLU C 57 25.91 24.03 3.67
N LEU C 58 26.02 22.81 3.17
CA LEU C 58 26.58 22.61 1.82
C LEU C 58 25.70 23.28 0.79
N MSE C 59 24.37 23.16 0.93
CA MSE C 59 23.45 23.79 -0.04
C MSE C 59 23.60 25.30 -0.05
O MSE C 59 23.73 25.90 -1.13
CB MSE C 59 21.99 23.34 0.14
CG MSE C 59 21.77 21.87 -0.33
SE MSE C 59 19.95 21.28 -0.07
CE MSE C 59 19.03 22.18 -1.52
N GLN C 60 23.64 25.91 1.14
CA GLN C 60 23.83 27.36 1.26
C GLN C 60 25.16 27.79 0.62
N GLU C 61 26.22 27.01 0.75
CA GLU C 61 27.51 27.41 0.17
C GLU C 61 27.52 27.35 -1.35
N MSE C 62 26.99 26.25 -1.89
CA MSE C 62 26.87 26.06 -3.32
C MSE C 62 25.97 27.15 -3.90
O MSE C 62 26.29 27.72 -4.95
CB MSE C 62 26.34 24.68 -3.62
CG MSE C 62 27.31 23.60 -3.24
SE MSE C 62 26.69 21.83 -3.68
CE MSE C 62 26.71 21.94 -5.59
N GLU C 63 24.89 27.48 -3.20
CA GLU C 63 23.95 28.54 -3.62
C GLU C 63 24.63 29.92 -3.63
N ALA C 64 25.39 30.22 -2.59
CA ALA C 64 26.06 31.52 -2.55
C ALA C 64 27.12 31.60 -3.66
N GLU C 65 27.86 30.51 -3.83
CA GLU C 65 28.90 30.48 -4.83
C GLU C 65 28.31 30.59 -6.27
N GLY C 66 27.18 29.95 -6.54
CA GLY C 66 26.56 29.98 -7.86
C GLY C 66 25.99 31.35 -8.16
N LEU C 67 25.34 31.96 -7.17
CA LEU C 67 24.83 33.33 -7.34
C LEU C 67 25.95 34.31 -7.64
N ALA C 68 27.06 34.17 -6.92
CA ALA C 68 28.18 35.08 -7.12
C ALA C 68 28.75 34.90 -8.52
N TYR C 69 28.63 33.71 -9.11
CA TYR C 69 29.13 33.50 -10.47
C TYR C 69 28.24 34.24 -11.47
N LEU C 70 26.93 34.24 -11.25
CA LEU C 70 26.03 34.95 -12.12
C LEU C 70 26.22 36.43 -11.94
N ALA C 71 26.29 36.89 -10.68
CA ALA C 71 26.47 38.32 -10.37
C ALA C 71 27.75 38.90 -10.97
N GLY C 72 28.76 38.04 -11.16
CA GLY C 72 30.06 38.46 -11.66
C GLY C 72 30.20 38.64 -13.17
N MSE C 73 29.30 38.06 -13.96
CA MSE C 73 29.36 38.18 -15.42
C MSE C 73 28.84 39.51 -15.96
O MSE C 73 27.91 40.10 -15.41
CB MSE C 73 28.70 36.98 -16.14
CG MSE C 73 27.65 36.25 -15.37
SE MSE C 73 26.73 34.82 -16.32
CE MSE C 73 28.28 34.06 -17.27
N GLU C 74 29.50 39.95 -17.03
CA GLU C 74 29.19 41.22 -17.72
C GLU C 74 27.70 41.33 -18.02
N ASP C 75 27.09 40.27 -18.53
CA ASP C 75 25.65 40.27 -18.81
C ASP C 75 24.84 39.87 -17.55
N GLN C 76 24.18 40.85 -16.93
CA GLN C 76 23.43 40.62 -15.68
C GLN C 76 22.04 39.99 -15.84
N SER C 77 21.67 39.64 -17.08
CA SER C 77 20.35 39.11 -17.35
C SER C 77 20.00 37.87 -16.54
N SER C 78 20.93 36.92 -16.53
CA SER C 78 20.71 35.63 -15.88
C SER C 78 20.62 35.82 -14.35
N TYR C 79 21.49 36.69 -13.80
CA TYR C 79 21.46 37.03 -12.34
C TYR C 79 20.12 37.73 -12.00
N ASN C 80 19.76 38.75 -12.77
CA ASN C 80 18.50 39.50 -12.53
C ASN C 80 17.26 38.61 -12.53
N ARG C 81 17.21 37.63 -13.45
CA ARG C 81 16.07 36.72 -13.51
C ARG C 81 15.92 35.98 -12.19
N ILE C 82 17.06 35.59 -11.61
CA ILE C 82 17.05 34.86 -10.34
C ILE C 82 16.66 35.79 -9.22
N MSE C 83 17.10 37.05 -9.26
CA MSE C 83 16.72 38.01 -8.22
C MSE C 83 15.21 38.28 -8.30
O MSE C 83 14.53 38.29 -7.28
CB MSE C 83 17.55 39.29 -8.27
CG MSE C 83 19.04 39.06 -8.07
SE MSE C 83 19.51 37.98 -6.50
CE MSE C 83 18.71 39.11 -5.09
N GLU C 84 14.69 38.45 -9.51
CA GLU C 84 13.24 38.66 -9.72
C GLU C 84 12.39 37.49 -9.19
N ARG C 85 12.96 36.28 -9.15
CA ARG C 85 12.28 35.12 -8.56
C ARG C 85 12.42 34.98 -7.03
N GLY C 86 13.09 35.92 -6.37
CA GLY C 86 13.21 35.86 -4.92
C GLY C 86 14.63 35.79 -4.38
N GLY C 87 15.62 35.72 -5.27
CA GLY C 87 17.02 35.73 -4.88
C GLY C 87 17.61 34.44 -4.32
N ARG C 88 16.92 33.34 -4.52
CA ARG C 88 17.38 32.06 -4.06
C ARG C 88 17.58 31.20 -5.28
N LEU C 89 18.79 30.69 -5.47
CA LEU C 89 19.08 29.82 -6.60
C LEU C 89 18.32 28.47 -6.48
N PHE C 90 18.08 28.01 -5.25
CA PHE C 90 17.39 26.73 -5.02
C PHE C 90 15.96 26.89 -4.46
N TYR C 91 15.45 28.12 -4.55
CA TYR C 91 14.06 28.44 -4.18
C TYR C 91 13.59 27.89 -2.82
N GLY C 92 14.50 27.86 -1.86
CA GLY C 92 14.19 27.42 -0.49
C GLY C 92 14.14 25.92 -0.27
N ALA C 93 14.52 25.16 -1.28
CA ALA C 93 14.50 23.70 -1.20
C ALA C 93 15.40 23.21 -0.08
N PRO C 94 14.93 22.21 0.67
CA PRO C 94 15.71 21.67 1.77
C PRO C 94 16.66 20.54 1.37
N CYS C 95 16.48 19.99 0.20
CA CYS C 95 17.33 18.91 -0.23
C CYS C 95 17.33 18.80 -1.72
N MSE C 96 18.23 18.00 -2.26
CA MSE C 96 18.29 17.86 -3.68
C MSE C 96 19.02 16.58 -4.01
O MSE C 96 19.77 16.12 -3.17
CB MSE C 96 19.04 19.04 -4.32
CG MSE C 96 20.56 19.06 -4.11
SE MSE C 96 21.31 20.62 -4.92
CE MSE C 96 23.05 20.60 -4.06
N ILE C 97 18.77 16.05 -5.20
CA ILE C 97 19.57 14.97 -5.73
C ILE C 97 20.53 15.57 -6.75
N VAL C 98 21.83 15.37 -6.53
CA VAL C 98 22.85 15.83 -7.48
C VAL C 98 23.27 14.63 -8.31
N VAL C 99 23.32 14.78 -9.62
CA VAL C 99 23.68 13.68 -10.51
C VAL C 99 24.97 13.97 -11.24
N PRO C 100 26.11 13.51 -10.70
CA PRO C 100 27.38 13.66 -11.40
C PRO C 100 27.45 12.68 -12.55
N ILE C 101 28.28 12.98 -13.54
CA ILE C 101 28.41 12.07 -14.70
C ILE C 101 29.83 11.98 -15.11
N ASP C 102 30.12 10.96 -15.90
CA ASP C 102 31.47 10.74 -16.42
C ASP C 102 31.67 11.61 -17.65
N PRO C 103 32.47 12.66 -17.55
CA PRO C 103 32.56 13.51 -18.75
C PRO C 103 33.29 12.88 -19.94
N THR C 104 33.97 11.74 -19.73
CA THR C 104 34.71 11.09 -20.80
C THR C 104 33.80 10.20 -21.67
N GLN C 105 32.53 10.09 -21.27
CA GLN C 105 31.47 9.39 -21.99
C GLN C 105 30.56 10.47 -22.64
N TYR C 106 31.04 11.71 -22.70
CA TYR C 106 30.42 12.84 -23.44
C TYR C 106 28.89 12.90 -23.64
N GLY C 107 28.45 12.94 -24.90
CA GLY C 107 27.04 13.06 -25.26
C GLY C 107 26.17 11.95 -24.73
N PRO C 108 26.62 10.70 -24.89
CA PRO C 108 25.80 9.62 -24.37
C PRO C 108 25.53 9.75 -22.86
N ALA C 109 26.53 10.13 -22.06
CA ALA C 109 26.34 10.35 -20.62
C ALA C 109 25.36 11.50 -20.34
N LEU C 110 25.29 12.50 -21.21
CA LEU C 110 24.33 13.61 -21.03
C LEU C 110 22.89 13.19 -21.29
N VAL C 111 22.65 12.35 -22.31
CA VAL C 111 21.30 11.83 -22.59
C VAL C 111 20.82 10.95 -21.44
N ASP C 112 21.72 10.12 -20.92
CA ASP C 112 21.40 9.28 -19.79
C ASP C 112 21.08 10.16 -18.57
N CYS C 113 21.81 11.26 -18.41
CA CYS C 113 21.60 12.12 -17.27
C CYS C 113 20.17 12.66 -17.31
N GLY C 114 19.72 13.06 -18.49
CA GLY C 114 18.37 13.54 -18.69
C GLY C 114 17.30 12.49 -18.42
N ILE C 115 17.55 11.26 -18.87
CA ILE C 115 16.66 10.16 -18.58
C ILE C 115 16.46 10.01 -17.07
N LEU C 116 17.55 9.96 -16.33
CA LEU C 116 17.52 9.73 -14.89
C LEU C 116 16.86 10.89 -14.15
N CYS C 117 17.20 12.13 -14.53
CA CYS C 117 16.57 13.30 -13.90
C CYS C 117 15.07 13.35 -14.13
N GLN C 118 14.59 13.04 -15.33
CA GLN C 118 13.14 13.00 -15.57
C GLN C 118 12.51 11.89 -14.72
N THR C 119 13.26 10.81 -14.47
CA THR C 119 12.78 9.70 -13.64
C THR C 119 12.56 10.15 -12.18
N ILE C 120 13.50 10.94 -11.66
CA ILE C 120 13.46 11.50 -10.29
C ILE C 120 12.24 12.42 -10.18
N ALA C 121 12.13 13.35 -11.13
CA ALA C 121 11.04 14.30 -11.18
C ALA C 121 9.67 13.63 -11.17
N LEU C 122 9.48 12.66 -12.05
CA LEU C 122 8.23 11.94 -12.16
C LEU C 122 7.94 11.10 -10.91
N ALA C 123 8.99 10.45 -10.37
CA ALA C 123 8.80 9.66 -9.15
C ALA C 123 8.44 10.62 -8.02
N ALA C 124 9.13 11.75 -7.96
CA ALA C 124 8.85 12.71 -6.92
C ALA C 124 7.42 13.24 -7.07
N THR C 125 7.00 13.63 -8.29
CA THR C 125 5.64 14.13 -8.47
C THR C 125 4.60 13.11 -8.03
N SER C 126 4.86 11.83 -8.29
CA SER C 126 3.89 10.78 -7.98
C SER C 126 3.70 10.56 -6.50
N LEU C 127 4.66 11.03 -5.71
CA LEU C 127 4.66 10.90 -4.25
C LEU C 127 4.28 12.20 -3.52
N GLY C 128 3.92 13.23 -4.27
CA GLY C 128 3.58 14.51 -3.70
C GLY C 128 4.77 15.38 -3.37
N ILE C 129 5.97 15.01 -3.85
CA ILE C 129 7.17 15.78 -3.57
C ILE C 129 7.40 16.74 -4.72
N ALA C 130 7.20 18.03 -4.46
CA ALA C 130 7.42 19.05 -5.48
C ALA C 130 8.88 19.06 -5.85
N ASN C 131 9.16 19.48 -7.09
CA ASN C 131 10.52 19.49 -7.59
C ASN C 131 10.79 20.36 -8.82
N ILE C 132 12.07 20.63 -9.05
CA ILE C 132 12.53 21.33 -10.24
C ILE C 132 13.90 20.83 -10.63
N MSE C 133 14.09 20.59 -11.94
CA MSE C 133 15.43 20.31 -12.43
C MSE C 133 16.26 21.56 -12.20
O MSE C 133 15.79 22.66 -12.48
CB MSE C 133 15.47 20.04 -13.92
CG MSE C 133 15.72 18.60 -14.35
SE MSE C 133 14.33 17.40 -13.91
CE MSE C 133 14.24 16.84 -15.70
N CYS C 134 17.48 21.41 -11.71
CA CYS C 134 18.30 22.57 -11.48
C CYS C 134 19.73 22.43 -12.02
N GLY C 135 19.90 22.99 -13.20
CA GLY C 135 21.21 23.06 -13.84
C GLY C 135 22.06 24.12 -13.18
N TYR C 136 21.43 25.09 -12.51
CA TYR C 136 22.19 26.15 -11.85
C TYR C 136 22.98 25.69 -10.63
N THR C 137 22.75 24.47 -10.17
CA THR C 137 23.57 23.90 -9.13
C THR C 137 25.00 23.79 -9.63
N GLY C 138 25.16 23.66 -10.95
CA GLY C 138 26.47 23.61 -11.60
C GLY C 138 27.26 24.92 -11.60
N LEU C 139 26.59 26.03 -11.28
CA LEU C 139 27.27 27.33 -11.21
C LEU C 139 28.30 27.32 -10.10
N ALA C 140 28.07 26.50 -9.07
CA ALA C 140 29.00 26.37 -7.95
C ALA C 140 30.34 25.76 -8.36
N PHE C 141 30.41 25.17 -9.56
CA PHE C 141 31.65 24.56 -10.11
C PHE C 141 32.18 25.36 -11.31
N ALA C 142 31.38 26.33 -11.78
CA ALA C 142 31.67 27.07 -13.03
C ALA C 142 32.99 27.84 -13.12
N SER C 143 33.45 28.42 -12.01
CA SER C 143 34.70 29.16 -12.01
C SER C 143 35.88 28.22 -12.00
N GLY C 144 35.65 26.98 -11.54
CA GLY C 144 36.69 25.95 -11.43
C GLY C 144 37.43 26.01 -10.10
N LEU C 145 37.31 27.13 -9.38
CA LEU C 145 38.04 27.33 -8.11
C LEU C 145 37.54 26.49 -6.94
N ARG C 146 36.25 26.23 -6.88
CA ARG C 146 35.71 25.40 -5.79
C ARG C 146 35.12 24.06 -6.28
N ALA C 147 35.32 23.79 -7.56
CA ALA C 147 34.84 22.57 -8.17
C ALA C 147 35.38 21.30 -7.49
N GLU C 148 36.68 21.24 -7.23
CA GLU C 148 37.25 20.06 -6.60
C GLU C 148 36.67 19.93 -5.17
N GLU C 149 36.63 21.03 -4.43
CA GLU C 149 36.08 20.99 -3.09
C GLU C 149 34.62 20.49 -3.07
N PHE C 150 33.74 21.04 -3.91
CA PHE C 150 32.35 20.58 -3.87
C PHE C 150 32.19 19.14 -4.35
N SER C 151 33.02 18.75 -5.30
CA SER C 151 33.02 17.37 -5.80
C SER C 151 33.34 16.42 -4.66
N LYS C 152 34.34 16.76 -3.86
CA LYS C 152 34.68 15.88 -2.75
C LYS C 152 33.61 15.92 -1.63
N ARG C 153 33.02 17.09 -1.35
CA ARG C 153 32.03 17.17 -0.31
C ARG C 153 30.74 16.44 -0.68
N LEU C 154 30.49 16.33 -1.98
CA LEU C 154 29.33 15.59 -2.48
C LEU C 154 29.60 14.09 -2.65
N GLY C 155 30.87 13.67 -2.60
CA GLY C 155 31.24 12.28 -2.79
C GLY C 155 31.26 11.85 -4.25
N PHE C 156 31.60 12.78 -5.12
CA PHE C 156 31.71 12.50 -6.53
C PHE C 156 32.80 11.46 -6.73
N PRO C 157 32.58 10.53 -7.65
CA PRO C 157 33.68 9.62 -7.95
C PRO C 157 34.77 10.39 -8.67
N GLU C 158 36.02 9.96 -8.50
CA GLU C 158 37.15 10.57 -9.20
C GLU C 158 36.90 10.63 -10.69
N GLY C 159 37.25 11.78 -11.27
CA GLY C 159 37.06 12.03 -12.70
C GLY C 159 35.67 12.52 -13.09
N TYR C 160 34.68 12.32 -12.24
CA TYR C 160 33.30 12.74 -12.56
C TYR C 160 33.08 14.25 -12.48
N ALA C 161 32.10 14.71 -13.24
CA ALA C 161 31.74 16.12 -13.27
C ALA C 161 30.25 16.30 -13.09
N PHE C 162 29.85 17.52 -12.74
CA PHE C 162 28.45 17.85 -12.56
C PHE C 162 27.63 17.63 -13.85
N GLY C 163 26.53 16.90 -13.70
CA GLY C 163 25.62 16.64 -14.80
C GLY C 163 24.39 17.49 -14.65
N CYS C 164 23.60 17.18 -13.63
CA CYS C 164 22.37 17.93 -13.36
C CYS C 164 21.92 17.65 -11.94
N SER C 165 20.89 18.37 -11.51
CA SER C 165 20.37 18.13 -10.18
C SER C 165 18.88 18.33 -10.22
N VAL C 166 18.21 17.86 -9.19
CA VAL C 166 16.77 18.01 -9.05
C VAL C 166 16.51 18.39 -7.58
N LEU C 167 15.93 19.57 -7.39
CA LEU C 167 15.63 20.08 -6.08
C LEU C 167 14.34 19.37 -5.62
N LEU C 168 14.22 19.07 -4.32
CA LEU C 168 13.09 18.32 -3.78
C LEU C 168 12.51 18.95 -2.51
N GLY C 169 11.21 18.80 -2.32
CA GLY C 169 10.52 19.33 -1.13
C GLY C 169 9.02 19.42 -1.31
N HIS C 170 8.36 20.05 -0.37
CA HIS C 170 6.96 20.27 -0.51
C HIS C 170 6.81 21.70 -1.03
N ALA C 171 5.75 21.93 -1.80
CA ALA C 171 5.55 23.22 -2.40
C ALA C 171 4.95 24.21 -1.39
N ASN C 172 5.46 25.44 -1.42
CA ASN C 172 4.94 26.51 -0.58
C ASN C 172 3.86 27.18 -1.41
N THR C 173 4.15 27.30 -2.70
CA THR C 173 3.19 27.72 -3.71
C THR C 173 3.43 26.85 -4.93
N THR C 174 2.37 26.75 -5.71
CA THR C 174 2.23 25.91 -6.88
C THR C 174 2.11 26.77 -8.15
N LYS C 175 2.58 26.26 -9.27
CA LYS C 175 2.40 26.96 -10.58
C LYS C 175 2.14 25.95 -11.70
N PRO C 176 1.45 26.39 -12.76
CA PRO C 176 1.18 25.42 -13.81
C PRO C 176 2.42 25.00 -14.60
N PRO C 177 2.43 23.79 -15.14
CA PRO C 177 3.52 23.40 -16.02
C PRO C 177 3.50 24.15 -17.35
N HIS C 178 4.54 23.99 -18.17
CA HIS C 178 4.51 24.59 -19.48
C HIS C 178 3.30 24.02 -20.26
N VAL C 179 2.69 24.84 -21.11
CA VAL C 179 1.60 24.40 -21.97
C VAL C 179 2.21 23.57 -23.10
N PRO C 180 1.83 22.28 -23.23
CA PRO C 180 2.41 21.46 -24.30
C PRO C 180 2.24 22.03 -25.70
N ASP C 181 3.25 21.86 -26.53
CA ASP C 181 3.22 22.41 -27.91
C ASP C 181 2.87 21.32 -28.89
N LYS C 182 1.58 21.20 -29.19
CA LYS C 182 1.11 20.14 -30.08
C LYS C 182 1.66 20.24 -31.50
N ASP C 183 2.12 21.42 -31.90
CA ASP C 183 2.65 21.64 -33.26
CA ASP C 183 2.63 21.60 -33.27
C ASP C 183 3.95 20.87 -33.45
N LYS C 184 4.58 20.46 -32.35
CA LYS C 184 5.84 19.71 -32.39
C LYS C 184 5.66 18.20 -32.65
N ILE C 185 4.41 17.74 -32.77
CA ILE C 185 4.12 16.33 -33.05
C ILE C 185 3.75 16.22 -34.49
N THR C 186 4.39 15.28 -35.19
CA THR C 186 4.09 14.98 -36.59
C THR C 186 4.16 13.50 -36.81
N TYR C 187 3.47 13.03 -37.82
CA TYR C 187 3.41 11.62 -38.19
C TYR C 187 3.96 11.42 -39.59
N VAL C 188 4.70 10.33 -39.78
CA VAL C 188 5.18 9.96 -41.11
C VAL C 188 4.47 8.64 -41.33
N GLU C 189 3.37 8.69 -42.07
CA GLU C 189 2.52 7.52 -42.32
C GLU C 189 3.12 6.58 -43.36
N GLY D 1 9.98 -0.92 -0.06
CA GLY D 1 9.73 0.55 -0.08
C GLY D 1 8.31 0.93 -0.50
N MSE D 2 8.07 2.23 -0.63
CA MSE D 2 6.76 2.80 -1.03
C MSE D 2 6.49 2.47 -2.50
O MSE D 2 7.43 2.45 -3.31
CB MSE D 2 6.72 4.32 -0.86
CG MSE D 2 7.06 4.81 0.53
SE MSE D 2 6.66 6.72 0.70
CE MSE D 2 4.70 6.58 0.72
N MSE D 3 5.20 2.28 -2.84
CA MSE D 3 4.75 1.87 -4.19
CA MSE D 3 4.82 1.97 -4.24
C MSE D 3 3.50 2.63 -4.66
O MSE D 3 2.63 2.97 -3.85
CB MSE D 3 4.47 0.34 -4.18
CB MSE D 3 4.76 0.44 -4.48
CG MSE D 3 3.49 -0.16 -3.07
CG MSE D 3 4.91 -0.02 -5.95
SE MSE D 3 3.34 -2.13 -2.81
SE MSE D 3 6.71 -0.50 -6.63
CE MSE D 3 5.14 -2.52 -2.15
CE MSE D 3 7.79 0.91 -5.89
N ASN D 4 3.42 2.91 -5.96
CA ASN D 4 2.26 3.51 -6.61
C ASN D 4 2.40 3.11 -8.08
N GLU D 5 1.42 3.42 -8.93
CA GLU D 5 1.47 2.99 -10.34
C GLU D 5 2.64 3.57 -11.12
N THR D 6 2.95 4.85 -10.89
CA THR D 6 4.08 5.47 -11.55
C THR D 6 5.37 4.78 -11.12
N LEU D 7 5.56 4.65 -9.82
CA LEU D 7 6.71 3.93 -9.30
C LEU D 7 6.84 2.53 -9.89
N LYS D 8 5.72 1.83 -10.07
CA LYS D 8 5.73 0.47 -10.63
C LYS D 8 6.12 0.48 -12.10
N VAL D 9 5.63 1.48 -12.83
CA VAL D 9 5.93 1.63 -14.25
C VAL D 9 7.42 1.89 -14.45
N ILE D 10 8.00 2.72 -13.58
CA ILE D 10 9.42 3.05 -13.63
C ILE D 10 10.25 1.77 -13.39
N ALA D 11 9.79 0.94 -12.45
CA ALA D 11 10.44 -0.32 -12.08
C ALA D 11 10.30 -1.42 -13.12
N GLU D 12 9.15 -1.48 -13.79
CA GLU D 12 8.88 -2.54 -14.76
C GLU D 12 9.33 -2.21 -16.19
N ARG D 13 9.49 -0.92 -16.51
CA ARG D 13 9.91 -0.54 -17.85
C ARG D 13 11.16 -1.33 -18.20
N TYR D 14 11.20 -1.92 -19.39
CA TYR D 14 12.37 -2.72 -19.81
C TYR D 14 12.62 -2.49 -21.28
N SER D 15 13.81 -2.86 -21.76
CA SER D 15 14.14 -2.67 -23.17
C SER D 15 13.69 -3.88 -23.94
N CYS D 16 12.70 -3.71 -24.82
CA CYS D 16 12.21 -4.83 -25.65
C CYS D 16 13.08 -4.97 -26.89
N ARG D 17 13.47 -6.20 -27.18
CA ARG D 17 14.28 -6.51 -28.38
C ARG D 17 13.63 -7.64 -29.20
N ASP D 18 12.30 -7.74 -29.14
CA ASP D 18 11.55 -8.71 -29.94
C ASP D 18 10.08 -8.24 -30.04
N PHE D 19 9.78 -7.55 -31.14
CA PHE D 19 8.48 -6.96 -31.36
C PHE D 19 7.63 -7.75 -32.36
N LYS D 20 6.33 -7.76 -32.08
CA LYS D 20 5.33 -8.31 -32.97
C LYS D 20 5.13 -7.22 -34.03
N ASN D 21 4.55 -7.56 -35.17
CA ASN D 21 4.34 -6.53 -36.20
C ASN D 21 3.04 -5.72 -36.02
N GLU D 22 2.20 -6.03 -35.02
CA GLU D 22 0.97 -5.23 -34.81
C GLU D 22 1.29 -3.79 -34.41
N MSE D 23 0.61 -2.89 -35.13
CA MSE D 23 0.76 -1.47 -34.97
C MSE D 23 -0.04 -0.97 -33.79
O MSE D 23 -1.22 -1.29 -33.67
CB MSE D 23 0.25 -0.75 -36.23
CG MSE D 23 0.43 0.76 -36.19
SE MSE D 23 2.28 1.20 -36.36
CE MSE D 23 2.49 0.93 -38.26
N PRO D 24 0.58 -0.18 -32.92
CA PRO D 24 -0.23 0.38 -31.84
C PRO D 24 -1.30 1.31 -32.40
N SER D 25 -2.44 1.37 -31.73
CA SER D 25 -3.54 2.22 -32.20
C SER D 25 -3.10 3.68 -32.24
N ASP D 26 -3.69 4.46 -33.13
CA ASP D 26 -3.42 5.89 -33.23
C ASP D 26 -3.78 6.60 -31.93
N GLU D 27 -4.70 6.00 -31.17
CA GLU D 27 -5.13 6.55 -29.88
C GLU D 27 -4.00 6.47 -28.83
N LEU D 28 -3.30 5.33 -28.77
CA LEU D 28 -2.19 5.14 -27.85
C LEU D 28 -1.00 5.96 -28.32
N LEU D 29 -0.75 5.99 -29.63
CA LEU D 29 0.41 6.73 -30.14
C LEU D 29 0.21 8.22 -29.83
N GLN D 30 -1.01 8.69 -29.99
CA GLN D 30 -1.34 10.06 -29.72
C GLN D 30 -1.08 10.38 -28.23
N ALA D 31 -1.50 9.49 -27.32
CA ALA D 31 -1.27 9.72 -25.87
C ALA D 31 0.22 9.73 -25.53
N ILE D 32 0.99 8.90 -26.22
CA ILE D 32 2.43 8.81 -26.00
C ILE D 32 3.15 10.08 -26.49
N ALA D 33 2.78 10.55 -27.68
CA ALA D 33 3.33 11.78 -28.25
C ALA D 33 2.96 12.98 -27.37
N GLU D 34 1.76 12.96 -26.80
CA GLU D 34 1.27 14.03 -25.90
C GLU D 34 2.08 13.98 -24.61
N ALA D 35 2.45 12.79 -24.15
CA ALA D 35 3.27 12.72 -22.95
C ALA D 35 4.63 13.33 -23.30
N ALA D 36 5.13 13.02 -24.50
CA ALA D 36 6.45 13.51 -24.93
C ALA D 36 6.59 15.03 -24.80
N ILE D 37 5.66 15.78 -25.39
CA ILE D 37 5.70 17.24 -25.40
C ILE D 37 5.47 17.86 -24.02
N GLN D 38 5.06 17.05 -23.05
CA GLN D 38 4.93 17.52 -21.66
C GLN D 38 6.28 17.42 -20.93
N ALA D 39 7.32 17.00 -21.64
CA ALA D 39 8.68 16.92 -21.07
C ALA D 39 9.20 18.32 -20.75
N PRO D 40 9.87 18.46 -19.62
CA PRO D 40 10.49 19.72 -19.27
C PRO D 40 11.78 19.88 -20.05
N SER D 41 12.18 21.12 -20.31
CA SER D 41 13.44 21.40 -20.99
C SER D 41 14.07 22.67 -20.43
N GLY D 42 15.39 22.79 -20.55
CA GLY D 42 16.10 23.95 -20.00
C GLY D 42 15.57 25.23 -20.62
N MSE D 43 15.19 26.18 -19.77
CA MSE D 43 14.64 27.46 -20.25
CA MSE D 43 14.59 27.45 -20.20
C MSE D 43 13.44 27.26 -21.19
O MSE D 43 13.09 28.17 -21.99
CB MSE D 43 15.72 28.27 -21.00
CB MSE D 43 15.64 28.51 -20.63
CG MSE D 43 17.05 28.48 -20.26
CG MSE D 43 17.08 28.02 -20.92
SE MSE D 43 16.92 29.38 -18.56
SE MSE D 43 18.33 29.52 -21.20
CE MSE D 43 16.05 31.06 -19.12
CE MSE D 43 17.51 30.79 -19.97
N ASN D 44 12.81 26.09 -21.08
CA ASN D 44 11.67 25.76 -21.93
C ASN D 44 11.96 25.95 -23.43
N ARG D 45 13.21 25.71 -23.83
CA ARG D 45 13.64 25.90 -25.21
C ARG D 45 13.01 24.86 -26.14
N GLN D 46 12.67 23.69 -25.62
CA GLN D 46 12.07 22.61 -26.39
C GLN D 46 12.79 22.46 -27.72
N ALA D 47 14.10 22.28 -27.66
CA ALA D 47 14.92 22.17 -28.86
C ALA D 47 14.82 20.75 -29.42
N TRP D 48 13.58 20.31 -29.65
CA TRP D 48 13.31 18.97 -30.14
C TRP D 48 11.98 18.87 -30.90
N ARG D 49 11.71 17.72 -31.49
CA ARG D 49 10.41 17.43 -32.08
C ARG D 49 10.10 15.97 -31.77
N VAL D 50 8.81 15.63 -31.87
CA VAL D 50 8.32 14.30 -31.65
C VAL D 50 7.76 13.77 -32.97
N ILE D 51 8.58 13.05 -33.73
CA ILE D 51 8.18 12.50 -35.03
C ILE D 51 7.75 11.03 -34.91
N VAL D 52 6.45 10.79 -35.00
CA VAL D 52 5.89 9.43 -34.94
C VAL D 52 5.97 8.79 -36.31
N VAL D 53 6.87 7.83 -36.45
CA VAL D 53 7.11 7.17 -37.72
C VAL D 53 6.35 5.85 -37.80
N LYS D 54 5.43 5.75 -38.76
CA LYS D 54 4.67 4.53 -39.00
C LYS D 54 4.95 3.94 -40.40
N ASN D 55 5.85 4.58 -41.16
CA ASN D 55 6.11 4.14 -42.54
C ASN D 55 7.12 3.01 -42.56
N LYS D 56 6.67 1.83 -42.99
CA LYS D 56 7.50 0.62 -42.97
C LYS D 56 8.76 0.69 -43.82
N GLU D 57 8.61 1.18 -45.04
CA GLU D 57 9.69 1.30 -46.02
C GLU D 57 10.79 2.19 -45.49
N LEU D 58 10.41 3.33 -44.92
CA LEU D 58 11.38 4.28 -44.39
C LEU D 58 12.21 3.64 -43.28
N MSE D 59 11.54 2.98 -42.34
CA MSE D 59 12.22 2.25 -41.26
C MSE D 59 13.13 1.17 -41.84
O MSE D 59 14.25 1.01 -41.39
CB MSE D 59 11.25 1.60 -40.26
CG MSE D 59 10.51 2.59 -39.42
SE MSE D 59 9.38 1.82 -38.06
CE MSE D 59 10.73 0.92 -37.00
N GLN D 60 12.65 0.44 -42.82
CA GLN D 60 13.47 -0.61 -43.43
C GLN D 60 14.74 0.00 -44.03
N GLU D 61 14.59 1.11 -44.74
CA GLU D 61 15.73 1.72 -45.40
C GLU D 61 16.74 2.24 -44.39
N MSE D 62 16.22 2.90 -43.35
CA MSE D 62 17.05 3.44 -42.29
C MSE D 62 17.80 2.31 -41.60
O MSE D 62 19.00 2.41 -41.41
CB MSE D 62 16.23 4.29 -41.27
CG MSE D 62 15.73 5.59 -41.85
SE MSE D 62 14.64 6.59 -40.66
CE MSE D 62 16.04 6.94 -39.36
N GLU D 63 17.08 1.25 -41.26
CA GLU D 63 17.68 0.07 -40.60
C GLU D 63 18.85 -0.51 -41.42
N ALA D 64 18.59 -0.81 -42.70
CA ALA D 64 19.59 -1.34 -43.62
C ALA D 64 20.79 -0.38 -43.86
N GLU D 65 20.54 0.93 -43.86
CA GLU D 65 21.63 1.90 -44.03
C GLU D 65 22.46 1.91 -42.77
N GLY D 66 21.81 1.82 -41.62
CA GLY D 66 22.56 1.74 -40.35
C GLY D 66 23.44 0.50 -40.30
N LEU D 67 22.86 -0.66 -40.58
CA LEU D 67 23.64 -1.89 -40.61
C LEU D 67 24.80 -1.81 -41.60
N ALA D 68 24.55 -1.16 -42.74
CA ALA D 68 25.58 -1.01 -43.76
C ALA D 68 26.75 -0.14 -43.25
N TYR D 69 26.49 0.85 -42.41
CA TYR D 69 27.55 1.67 -41.85
C TYR D 69 28.41 0.81 -40.90
N LEU D 70 27.76 0.08 -40.01
CA LEU D 70 28.51 -0.84 -39.15
C LEU D 70 29.34 -1.86 -39.98
N ALA D 71 28.80 -2.38 -41.08
CA ALA D 71 29.56 -3.38 -41.89
C ALA D 71 30.73 -2.80 -42.68
N GLY D 72 30.73 -1.48 -42.84
CA GLY D 72 31.78 -0.83 -43.61
C GLY D 72 32.98 -0.37 -42.82
N MSE D 73 32.96 -0.56 -41.51
CA MSE D 73 34.09 -0.14 -40.67
C MSE D 73 35.26 -1.09 -40.78
O MSE D 73 35.09 -2.27 -41.08
CB MSE D 73 33.63 -0.06 -39.20
CG MSE D 73 32.54 0.96 -38.97
SE MSE D 73 31.98 0.97 -37.13
CE MSE D 73 30.88 2.53 -37.22
N GLU D 74 36.47 -0.58 -40.57
CA GLU D 74 37.67 -1.41 -40.52
C GLU D 74 37.53 -2.53 -39.51
N ASP D 75 36.93 -2.22 -38.36
CA ASP D 75 36.70 -3.23 -37.34
C ASP D 75 35.24 -3.58 -37.44
N GLN D 76 34.98 -4.78 -37.96
CA GLN D 76 33.62 -5.28 -38.20
C GLN D 76 32.99 -5.95 -36.96
N SER D 77 33.71 -5.96 -35.83
CA SER D 77 33.26 -6.63 -34.60
C SER D 77 31.85 -6.24 -34.15
N SER D 78 31.58 -4.95 -34.08
CA SER D 78 30.26 -4.48 -33.66
C SER D 78 29.16 -5.01 -34.59
N TYR D 79 29.42 -4.98 -35.89
CA TYR D 79 28.47 -5.49 -36.88
C TYR D 79 28.22 -6.97 -36.74
N ASN D 80 29.28 -7.72 -36.43
CA ASN D 80 29.17 -9.16 -36.28
C ASN D 80 28.43 -9.54 -35.02
N ARG D 81 28.66 -8.81 -33.92
CA ARG D 81 27.96 -9.10 -32.68
C ARG D 81 26.48 -8.87 -32.91
N ILE D 82 26.14 -7.93 -33.80
CA ILE D 82 24.75 -7.62 -34.14
C ILE D 82 24.13 -8.71 -34.99
N MSE D 83 24.81 -9.14 -36.04
CA MSE D 83 24.31 -10.22 -36.89
C MSE D 83 24.23 -11.56 -36.13
O MSE D 83 23.41 -12.43 -36.49
CB MSE D 83 25.21 -10.39 -38.12
CG MSE D 83 25.24 -9.22 -39.08
SE MSE D 83 23.60 -8.90 -40.08
CE MSE D 83 23.56 -10.55 -41.12
N GLU D 84 25.04 -11.73 -35.09
CA GLU D 84 25.04 -12.95 -34.30
C GLU D 84 23.85 -12.99 -33.31
N ARG D 85 23.19 -11.85 -33.10
CA ARG D 85 22.03 -11.71 -32.20
C ARG D 85 20.69 -11.40 -32.94
N GLY D 86 20.57 -11.80 -34.20
CA GLY D 86 19.34 -11.59 -34.98
C GLY D 86 19.39 -10.77 -36.26
N GLY D 87 20.41 -9.91 -36.38
CA GLY D 87 20.59 -9.05 -37.57
C GLY D 87 19.58 -7.91 -37.75
N ARG D 88 18.83 -7.60 -36.70
CA ARG D 88 17.85 -6.55 -36.78
C ARG D 88 18.35 -5.43 -35.88
N LEU D 89 18.25 -4.21 -36.36
CA LEU D 89 18.65 -3.04 -35.60
C LEU D 89 17.38 -2.56 -34.84
N PHE D 90 16.20 -2.73 -35.46
CA PHE D 90 14.93 -2.33 -34.85
C PHE D 90 14.09 -3.47 -34.24
N TYR D 91 14.59 -4.70 -34.30
CA TYR D 91 13.95 -5.87 -33.68
C TYR D 91 12.49 -6.08 -34.08
N GLY D 92 12.18 -5.83 -35.34
CA GLY D 92 10.84 -5.95 -35.88
C GLY D 92 9.86 -4.88 -35.43
N ALA D 93 10.32 -3.76 -34.87
CA ALA D 93 9.36 -2.74 -34.42
C ALA D 93 8.61 -2.19 -35.64
N PRO D 94 7.28 -2.04 -35.54
CA PRO D 94 6.43 -1.50 -36.61
C PRO D 94 6.41 0.02 -36.67
N CYS D 95 6.82 0.67 -35.58
CA CYS D 95 6.87 2.12 -35.56
C CYS D 95 7.86 2.59 -34.53
N MSE D 96 8.21 3.87 -34.63
CA MSE D 96 9.07 4.49 -33.65
C MSE D 96 8.86 6.00 -33.59
O MSE D 96 8.30 6.60 -34.50
CB MSE D 96 10.55 4.22 -33.97
CG MSE D 96 11.07 4.94 -35.21
SE MSE D 96 12.83 4.36 -35.71
CE MSE D 96 12.91 5.31 -37.44
N ILE D 97 9.35 6.58 -32.51
CA ILE D 97 9.35 8.02 -32.39
C ILE D 97 10.80 8.47 -32.50
N VAL D 98 11.05 9.37 -33.45
CA VAL D 98 12.38 9.92 -33.65
C VAL D 98 12.38 11.32 -33.08
N VAL D 99 13.41 11.60 -32.28
CA VAL D 99 13.57 12.88 -31.63
C VAL D 99 14.79 13.62 -32.16
N PRO D 100 14.60 14.48 -33.17
CA PRO D 100 15.72 15.29 -33.66
C PRO D 100 15.94 16.41 -32.66
N ILE D 101 17.10 17.05 -32.71
CA ILE D 101 17.44 18.10 -31.76
C ILE D 101 18.26 19.19 -32.43
N ASP D 102 18.24 20.37 -31.83
CA ASP D 102 19.01 21.48 -32.35
C ASP D 102 20.38 21.27 -31.73
N PRO D 103 21.41 21.02 -32.57
CA PRO D 103 22.74 20.78 -32.08
C PRO D 103 23.54 22.02 -31.68
N THR D 104 23.04 23.23 -31.95
CA THR D 104 23.74 24.45 -31.52
C THR D 104 23.66 24.60 -29.99
N GLN D 105 22.65 23.95 -29.40
CA GLN D 105 22.42 23.95 -27.96
C GLN D 105 23.18 22.74 -27.32
N TYR D 106 24.21 22.26 -27.99
CA TYR D 106 25.06 21.17 -27.50
CA TYR D 106 24.92 21.01 -27.62
C TYR D 106 24.49 20.22 -26.38
N GLY D 107 25.16 20.28 -25.24
CA GLY D 107 24.83 19.46 -24.09
C GLY D 107 23.45 19.69 -23.53
N PRO D 108 23.03 20.94 -23.43
CA PRO D 108 21.71 21.11 -22.85
C PRO D 108 20.64 20.42 -23.69
N ALA D 109 20.82 20.41 -25.00
CA ALA D 109 19.89 19.77 -25.96
C ALA D 109 19.88 18.25 -25.80
N LEU D 110 21.05 17.71 -25.48
CA LEU D 110 21.18 16.29 -25.20
C LEU D 110 20.48 15.90 -23.89
N VAL D 111 20.68 16.66 -22.81
CA VAL D 111 20.00 16.39 -21.56
C VAL D 111 18.46 16.43 -21.79
N ASP D 112 17.98 17.46 -22.47
CA ASP D 112 16.57 17.60 -22.75
C ASP D 112 16.05 16.44 -23.58
N CYS D 113 16.88 15.92 -24.48
CA CYS D 113 16.48 14.80 -25.36
C CYS D 113 16.24 13.53 -24.54
N GLY D 114 17.10 13.28 -23.59
CA GLY D 114 16.95 12.14 -22.71
C GLY D 114 15.72 12.26 -21.83
N ILE D 115 15.42 13.49 -21.40
CA ILE D 115 14.24 13.73 -20.56
C ILE D 115 13.02 13.31 -21.34
N LEU D 116 12.97 13.73 -22.60
CA LEU D 116 11.81 13.45 -23.42
C LEU D 116 11.71 11.98 -23.79
N CYS D 117 12.82 11.33 -24.05
CA CYS D 117 12.79 9.91 -24.43
C CYS D 117 12.35 9.01 -23.29
N GLN D 118 12.67 9.38 -22.06
CA GLN D 118 12.22 8.62 -20.86
C GLN D 118 10.73 8.87 -20.63
N THR D 119 10.25 10.07 -20.95
CA THR D 119 8.84 10.38 -20.83
C THR D 119 8.08 9.48 -21.81
N ILE D 120 8.59 9.33 -23.03
CA ILE D 120 8.01 8.39 -24.00
C ILE D 120 8.02 6.95 -23.48
N ALA D 121 9.16 6.49 -22.95
CA ALA D 121 9.28 5.10 -22.51
C ALA D 121 8.37 4.76 -21.31
N LEU D 122 8.22 5.70 -20.37
CA LEU D 122 7.36 5.48 -19.22
C LEU D 122 5.90 5.54 -19.63
N ALA D 123 5.56 6.47 -20.53
CA ALA D 123 4.18 6.59 -21.01
C ALA D 123 3.74 5.31 -21.77
N ALA D 124 4.60 4.84 -22.67
CA ALA D 124 4.29 3.65 -23.46
C ALA D 124 4.12 2.44 -22.52
N THR D 125 5.03 2.30 -21.56
CA THR D 125 4.95 1.22 -20.59
C THR D 125 3.61 1.29 -19.82
N SER D 126 3.16 2.49 -19.46
CA SER D 126 1.93 2.64 -18.68
C SER D 126 0.71 2.16 -19.47
N LEU D 127 0.83 2.28 -20.79
CA LEU D 127 -0.22 1.89 -21.73
C LEU D 127 -0.04 0.47 -22.29
N GLY D 128 0.85 -0.33 -21.69
CA GLY D 128 1.09 -1.70 -22.18
C GLY D 128 1.80 -1.78 -23.53
N ILE D 129 2.54 -0.74 -23.92
CA ILE D 129 3.26 -0.73 -25.17
C ILE D 129 4.75 -0.89 -24.92
N ALA D 130 5.28 -2.03 -25.36
CA ALA D 130 6.71 -2.34 -25.24
C ALA D 130 7.55 -1.30 -25.99
N ASN D 131 8.78 -1.09 -25.55
CA ASN D 131 9.60 -0.05 -26.14
C ASN D 131 11.07 -0.18 -25.80
N ILE D 132 11.90 0.47 -26.61
CA ILE D 132 13.32 0.54 -26.33
C ILE D 132 13.92 1.82 -26.91
N MSE D 133 14.78 2.50 -26.17
CA MSE D 133 15.50 3.65 -26.72
C MSE D 133 16.49 3.06 -27.71
O MSE D 133 17.19 2.09 -27.40
CB MSE D 133 16.28 4.45 -25.66
CG MSE D 133 15.63 5.74 -25.25
SE MSE D 133 14.21 5.54 -24.02
CE MSE D 133 15.21 6.08 -22.47
N CYS D 134 16.56 3.63 -28.91
CA CYS D 134 17.46 3.10 -29.91
C CYS D 134 18.33 4.21 -30.48
N GLY D 135 19.59 4.22 -30.05
CA GLY D 135 20.54 5.17 -30.58
C GLY D 135 20.96 4.76 -31.97
N TYR D 136 20.92 3.44 -32.25
CA TYR D 136 21.34 2.92 -33.54
C TYR D 136 20.61 3.54 -34.78
N THR D 137 19.41 4.06 -34.57
CA THR D 137 18.68 4.73 -35.66
C THR D 137 19.57 5.87 -36.23
N GLY D 138 20.42 6.42 -35.39
CA GLY D 138 21.33 7.47 -35.81
C GLY D 138 22.33 7.02 -36.86
N LEU D 139 22.54 5.70 -36.95
CA LEU D 139 23.46 5.15 -37.93
C LEU D 139 22.93 5.36 -39.34
N ALA D 140 21.62 5.60 -39.49
CA ALA D 140 21.09 5.85 -40.84
C ALA D 140 21.60 7.19 -41.40
N PHE D 141 22.14 8.06 -40.55
CA PHE D 141 22.68 9.37 -40.94
C PHE D 141 24.18 9.48 -40.84
N ALA D 142 24.84 8.46 -40.28
CA ALA D 142 26.27 8.53 -39.93
C ALA D 142 27.22 8.80 -41.05
N SER D 143 26.96 8.26 -42.23
CA SER D 143 27.88 8.42 -43.35
C SER D 143 27.78 9.79 -43.93
N GLY D 144 26.68 10.47 -43.68
CA GLY D 144 26.42 11.79 -44.28
C GLY D 144 25.87 11.70 -45.70
N LEU D 145 26.01 10.55 -46.36
CA LEU D 145 25.57 10.37 -47.75
C LEU D 145 24.03 10.29 -47.92
N ARG D 146 23.31 9.87 -46.89
CA ARG D 146 21.86 9.82 -46.94
C ARG D 146 21.21 10.60 -45.82
N ALA D 147 21.99 11.38 -45.09
CA ALA D 147 21.50 12.13 -43.94
C ALA D 147 20.43 13.17 -44.36
N GLU D 148 20.72 13.95 -45.41
CA GLU D 148 19.78 14.96 -45.89
C GLU D 148 18.49 14.28 -46.33
N GLU D 149 18.59 13.22 -47.11
CA GLU D 149 17.41 12.51 -47.59
C GLU D 149 16.52 12.02 -46.45
N PHE D 150 17.13 11.40 -45.43
CA PHE D 150 16.34 10.89 -44.30
C PHE D 150 15.77 12.04 -43.48
N SER D 151 16.52 13.12 -43.34
CA SER D 151 16.04 14.28 -42.61
C SER D 151 14.78 14.85 -43.26
N LYS D 152 14.76 14.95 -44.60
CA LYS D 152 13.59 15.49 -45.33
C LYS D 152 12.43 14.54 -45.22
N ARG D 153 12.68 13.24 -45.38
CA ARG D 153 11.63 12.22 -45.30
C ARG D 153 10.96 12.14 -43.93
N LEU D 154 11.73 12.44 -42.87
CA LEU D 154 11.24 12.48 -41.50
C LEU D 154 10.60 13.84 -41.17
N GLY D 155 10.95 14.87 -41.92
CA GLY D 155 10.43 16.21 -41.66
C GLY D 155 11.17 16.90 -40.52
N PHE D 156 12.46 16.64 -40.39
CA PHE D 156 13.31 17.31 -39.43
C PHE D 156 13.28 18.80 -39.76
N PRO D 157 13.32 19.68 -38.76
CA PRO D 157 13.44 21.11 -39.11
C PRO D 157 14.83 21.38 -39.66
N GLU D 158 15.02 22.45 -40.45
CA GLU D 158 16.37 22.76 -40.92
C GLU D 158 17.35 22.94 -39.77
N GLY D 159 18.51 22.31 -39.89
CA GLY D 159 19.56 22.40 -38.88
C GLY D 159 19.55 21.31 -37.83
N TYR D 160 18.39 20.67 -37.63
CA TYR D 160 18.28 19.63 -36.61
C TYR D 160 19.01 18.38 -37.01
N ALA D 161 19.51 17.69 -35.99
CA ALA D 161 20.23 16.43 -36.19
C ALA D 161 19.59 15.38 -35.31
N PHE D 162 19.92 14.13 -35.55
CA PHE D 162 19.36 13.04 -34.77
C PHE D 162 19.75 13.10 -33.29
N GLY D 163 18.75 13.00 -32.41
CA GLY D 163 18.97 13.01 -30.95
C GLY D 163 18.93 11.59 -30.38
N CYS D 164 17.76 10.98 -30.48
CA CYS D 164 17.58 9.60 -30.05
C CYS D 164 16.25 9.16 -30.61
N SER D 165 15.84 7.94 -30.33
CA SER D 165 14.57 7.46 -30.78
C SER D 165 14.09 6.43 -29.82
N VAL D 166 12.81 6.09 -29.91
CA VAL D 166 12.19 5.09 -29.05
C VAL D 166 11.32 4.20 -29.92
N LEU D 167 11.64 2.91 -29.96
CA LEU D 167 10.90 1.99 -30.79
C LEU D 167 9.69 1.62 -29.95
N LEU D 168 8.55 1.44 -30.63
CA LEU D 168 7.29 1.13 -30.00
C LEU D 168 6.56 -0.04 -30.66
N GLY D 169 5.86 -0.82 -29.83
CA GLY D 169 5.06 -1.94 -30.30
C GLY D 169 4.66 -2.92 -29.19
N HIS D 170 4.20 -4.09 -29.62
CA HIS D 170 3.83 -5.14 -28.67
C HIS D 170 4.97 -6.14 -28.58
N ALA D 171 5.26 -6.57 -27.36
CA ALA D 171 6.35 -7.50 -27.10
C ALA D 171 6.03 -8.90 -27.57
N ASN D 172 6.95 -9.47 -28.36
CA ASN D 172 6.82 -10.86 -28.78
C ASN D 172 7.44 -11.65 -27.62
N THR D 173 8.65 -11.27 -27.22
CA THR D 173 9.33 -11.87 -26.07
C THR D 173 9.73 -10.79 -25.05
N THR D 174 9.67 -11.21 -23.79
CA THR D 174 9.92 -10.39 -22.63
C THR D 174 11.35 -10.43 -22.12
N LYS D 175 11.70 -9.46 -21.30
CA LYS D 175 13.01 -9.47 -20.66
C LYS D 175 12.95 -8.61 -19.40
N PRO D 176 13.51 -9.08 -18.27
CA PRO D 176 13.50 -8.29 -17.05
C PRO D 176 14.24 -6.97 -17.26
N PRO D 177 13.90 -5.95 -16.49
CA PRO D 177 14.67 -4.73 -16.67
C PRO D 177 16.04 -4.92 -16.05
N HIS D 178 16.95 -3.98 -16.30
CA HIS D 178 18.29 -4.04 -15.70
C HIS D 178 18.14 -4.05 -14.18
N VAL D 179 19.04 -4.73 -13.48
CA VAL D 179 18.94 -4.80 -12.01
C VAL D 179 19.40 -3.47 -11.41
N PRO D 180 18.56 -2.84 -10.57
CA PRO D 180 19.01 -1.57 -9.96
C PRO D 180 20.24 -1.74 -9.06
N ASP D 181 21.20 -0.85 -9.22
CA ASP D 181 22.44 -0.89 -8.46
C ASP D 181 22.34 0.07 -7.27
N LYS D 182 21.93 -0.43 -6.12
CA LYS D 182 21.80 0.41 -4.93
C LYS D 182 23.11 1.13 -4.54
N ASP D 183 24.27 0.56 -4.91
CA ASP D 183 25.55 1.20 -4.54
C ASP D 183 25.78 2.57 -5.19
N LYS D 184 25.03 2.86 -6.25
CA LYS D 184 25.09 4.14 -6.92
C LYS D 184 24.28 5.25 -6.22
N ILE D 185 23.55 4.90 -5.15
CA ILE D 185 22.79 5.87 -4.36
C ILE D 185 23.61 6.15 -3.09
N THR D 186 23.96 7.40 -2.84
CA THR D 186 24.64 7.76 -1.60
C THR D 186 23.93 8.96 -1.02
N TYR D 187 24.27 9.30 0.22
CA TYR D 187 23.67 10.40 0.96
C TYR D 187 24.75 11.31 1.56
N VAL D 188 24.44 12.60 1.65
CA VAL D 188 25.34 13.57 2.24
C VAL D 188 24.45 14.18 3.31
N GLU D 189 24.56 13.66 4.52
CA GLU D 189 23.76 14.14 5.62
C GLU D 189 24.31 15.50 6.07
N1 FMN E . -4.53 -21.04 15.52
C2 FMN E . -3.31 -20.97 14.86
O2 FMN E . -2.91 -21.93 14.17
N3 FMN E . -2.54 -19.82 14.98
C4 FMN E . -3.00 -18.76 15.76
O4 FMN E . -2.30 -17.75 15.84
C4A FMN E . -4.26 -18.85 16.43
N5 FMN E . -4.77 -17.82 17.21
C5A FMN E . -6.10 -17.84 17.63
C6 FMN E . -6.66 -16.69 18.19
C7 FMN E . -7.99 -16.65 18.61
C7M FMN E . -8.58 -15.41 19.21
C8 FMN E . -8.75 -17.80 18.48
C8M FMN E . -10.16 -17.81 18.91
C9 FMN E . -8.19 -18.95 17.92
C9A FMN E . -6.87 -19.00 17.48
N10 FMN E . -6.26 -20.15 16.92
C10 FMN E . -5.02 -20.02 16.29
C1' FMN E . -7.06 -21.38 16.59
C2' FMN E . -7.48 -22.20 17.81
O2' FMN E . -6.50 -23.18 18.04
C3' FMN E . -8.82 -22.90 17.53
O3' FMN E . -9.91 -21.98 17.53
C4' FMN E . -9.10 -23.98 18.57
O4' FMN E . -8.11 -24.98 18.46
C5' FMN E . -10.51 -24.57 18.42
O5' FMN E . -10.57 -25.30 17.23
P FMN E . -11.61 -24.96 16.11
O1P FMN E . -11.12 -25.76 14.92
O2P FMN E . -11.53 -23.52 15.70
O3P FMN E . -12.98 -25.40 16.59
N1 FMN F . -25.65 -1.77 25.86
C2 FMN F . -26.32 -1.47 27.03
O2 FMN F . -27.40 -0.90 27.04
N3 FMN F . -25.75 -1.81 28.23
C4 FMN F . -24.54 -2.46 28.29
O4 FMN F . -24.10 -2.73 29.41
C4A FMN F . -23.87 -2.75 27.11
N5 FMN F . -22.66 -3.38 27.12
C5A FMN F . -22.13 -3.90 25.97
C6 FMN F . -21.04 -4.77 26.02
C7 FMN F . -20.49 -5.33 24.87
C7M FMN F . -19.34 -6.24 25.00
C8 FMN F . -21.04 -4.99 23.65
C8M FMN F . -20.50 -5.55 22.38
C9 FMN F . -22.14 -4.12 23.57
C9A FMN F . -22.70 -3.58 24.74
N10 FMN F . -23.78 -2.70 24.71
C10 FMN F . -24.44 -2.41 25.88
C1' FMN F . -24.57 -2.61 23.44
C2' FMN F . -23.95 -1.57 22.52
O2' FMN F . -24.34 -0.29 22.99
C3' FMN F . -24.39 -1.82 21.08
O3' FMN F . -23.94 -3.08 20.64
C4' FMN F . -23.82 -0.74 20.17
O4' FMN F . -24.38 0.47 20.58
C5' FMN F . -24.14 -1.00 18.70
O5' FMN F . -25.55 -1.09 18.52
P FMN F . -26.23 -2.45 17.99
O1P FMN F . -27.70 -2.26 18.09
O2P FMN F . -25.83 -3.67 18.85
O3P FMN F . -25.79 -2.58 16.58
N1 FMN G . 14.76 26.09 -13.63
C2 FMN G . 15.38 26.90 -12.70
O2 FMN G . 14.74 27.74 -12.08
N3 FMN G . 16.74 26.79 -12.50
C4 FMN G . 17.45 25.86 -13.21
O4 FMN G . 18.65 25.78 -13.00
C4A FMN G . 16.82 25.02 -14.15
N5 FMN G . 17.52 24.08 -14.87
C5A FMN G . 16.84 23.15 -15.65
C6 FMN G . 17.55 22.09 -16.24
C7 FMN G . 16.92 21.13 -17.01
C7M FMN G . 17.71 20.00 -17.62
C8 FMN G . 15.54 21.23 -17.21
C8M FMN G . 14.84 20.20 -18.06
C9 FMN G . 14.83 22.29 -16.64
C9A FMN G . 15.47 23.26 -15.85
N10 FMN G . 14.79 24.34 -15.26
C10 FMN G . 15.45 25.15 -14.35
C1' FMN G . 13.30 24.47 -15.34
C2' FMN G . 12.81 24.82 -16.74
O2' FMN G . 12.82 26.21 -16.94
C3' FMN G . 11.40 24.27 -16.91
O3' FMN G . 11.40 22.88 -17.16
C4' FMN G . 10.70 24.96 -18.06
O4' FMN G . 10.62 26.33 -17.68
C5' FMN G . 9.36 24.29 -18.39
O5' FMN G . 8.50 24.45 -17.29
P FMN G . 7.87 23.22 -16.50
O1P FMN G . 7.08 23.87 -15.43
O2P FMN G . 8.94 22.29 -15.93
O3P FMN G . 6.92 22.47 -17.42
N1 FMN H . 19.50 -0.87 -26.93
C2 FMN H . 19.64 -1.47 -28.17
O2 FMN H . 19.39 -2.66 -28.31
N3 FMN H . 20.05 -0.69 -29.24
C4 FMN H . 20.30 0.65 -29.07
O4 FMN H . 20.66 1.29 -30.06
C4A FMN H . 20.17 1.24 -27.80
N5 FMN H . 20.43 2.58 -27.58
C5A FMN H . 20.11 3.18 -26.36
C6 FMN H . 20.21 4.57 -26.21
C7 FMN H . 19.89 5.15 -24.99
C7M FMN H . 19.97 6.62 -24.80
C8 FMN H . 19.47 4.37 -23.92
C8M FMN H . 19.12 5.01 -22.61
C9 FMN H . 19.38 3.00 -24.06
C9A FMN H . 19.69 2.37 -25.29
N10 FMN H . 19.61 0.99 -25.45
C10 FMN H . 19.77 0.46 -26.73
C1' FMN H . 19.01 0.11 -24.38
C2' FMN H . 19.99 -0.17 -23.21
O2' FMN H . 20.95 -1.15 -23.56
C3' FMN H . 19.23 -0.63 -21.94
O3' FMN H . 18.46 0.47 -21.49
C4' FMN H . 20.10 -1.06 -20.77
O4' FMN H . 20.91 -2.15 -21.12
C5' FMN H . 19.29 -1.43 -19.52
O5' FMN H . 18.31 -2.42 -19.76
P FMN H . 16.74 -2.10 -19.49
O1P FMN H . 15.93 -3.25 -19.95
O2P FMN H . 16.34 -0.89 -20.30
O3P FMN H . 16.45 -1.80 -18.05
#